data_3FEE
#
_entry.id   3FEE
#
_cell.length_a   122.985
_cell.length_b   103.690
_cell.length_c   77.611
_cell.angle_alpha   90.00
_cell.angle_beta   108.27
_cell.angle_gamma   90.00
#
_symmetry.space_group_name_H-M   'C 1 2 1'
#
loop_
_entity.id
_entity.type
_entity.pdbx_description
1 polymer 'Glutamate carboxypeptidase III'
2 branched 2-acetamido-2-deoxy-beta-D-glucopyranose-(1-4)-2-acetamido-2-deoxy-beta-D-glucopyranose
3 non-polymer 2-acetamido-2-deoxy-beta-D-glucopyranose
4 non-polymer 'ZINC ION'
5 non-polymer 'CHLORIDE ION'
6 non-polymer 'CALCIUM ION'
7 non-polymer '(S)-2-AMINO-3-(3,5-DIOXO-[1,2,4]OXADIAZOLIDIN-2-YL)-PROPIONIC ACID'
8 water water
#
_entity_poly.entity_id   1
_entity_poly.type   'polypeptide(L)'
_entity_poly.pdbx_seq_one_letter_code
;RSETTTSVRYHQSIRWKLVSEMKAENIKSFLRSFTKLPHLAGTEQNFLLAKKIQTQWKKFGLDSAKLVHYDVLLSYPNET
NANYISIVDEHETEIFKTSYLEPPPDGYENVTNIVPPYNAFSAQGMPEGDLVYVNYARTEDFFKLEREMGINCTGKIVIA
RYGKIFRGNKVKNAMLAGAIGIILYSDPADYFAPEVQPYPKGWNLPGTAAQRGNVLNLNGAGDPLTPGYPAKEYTFRLDV
EEGVGIPRIPVHPIGYNDAEILLRYLGGIAPPDKSWKGALNVSYSIGPGFTGSDSFRKVRMHVYNINKITRIYNVVGTIR
GSVEPDRYVILGGHRDSWVFGAIDPTSGVAVLQEIARSFGKLMSKGWRPRRTIIFASWDAEEFGLLGSTEWAEENVKILQ
ERSIAYINSDSSIEGNYTLRVDCTPLLYQLVYKLTKEIPSPDDGFESKSLYESWLEKDPSPENKNLPRINKLGSGSDFEA
YFQRLGIASGRARYTKNKKTDKYSSYPVYHTIYETFELVEKFYDPTFKKQLSVAQLRGALVYELVDSKIIPFNIQDYAEA
LKNYAASIYNLSKKHDQQLTDHGVSFDSLFSAVKNFSEAASDFHKRLIQVDLNNPIAVRMMNDQLMLLERAFIDPLGLPG
KLFYRHIIFAPSSHNKYAGESFPGIYDAIFDIENKANSRLAWKEVKKHISIAAFTIQAAAGTLKEVL
;
_entity_poly.pdbx_strand_id   A
#
loop_
_chem_comp.id
_chem_comp.type
_chem_comp.name
_chem_comp.formula
CA non-polymer 'CALCIUM ION' 'Ca 2'
CL non-polymer 'CHLORIDE ION' 'Cl -1'
NAG D-saccharide, beta linking 2-acetamido-2-deoxy-beta-D-glucopyranose 'C8 H15 N O6'
QUS non-polymer '(S)-2-AMINO-3-(3,5-DIOXO-[1,2,4]OXADIAZOLIDIN-2-YL)-PROPIONIC ACID' 'C5 H7 N3 O5'
ZN non-polymer 'ZINC ION' 'Zn 2'
#
# COMPACT_ATOMS: atom_id res chain seq x y z
N SER A 13 -23.03 23.83 4.00
CA SER A 13 -24.24 23.29 4.68
C SER A 13 -24.34 21.83 4.33
N ILE A 14 -24.27 21.54 3.03
CA ILE A 14 -24.47 20.16 2.55
C ILE A 14 -23.31 19.30 3.09
N ARG A 15 -22.08 19.84 3.08
CA ARG A 15 -20.94 19.09 3.62
C ARG A 15 -21.20 18.73 5.11
N TRP A 16 -21.71 19.70 5.87
CA TRP A 16 -22.02 19.42 7.26
C TRP A 16 -23.10 18.35 7.39
N LYS A 17 -24.13 18.40 6.56
CA LYS A 17 -25.16 17.34 6.63
C LYS A 17 -24.58 15.96 6.28
N LEU A 18 -23.68 15.92 5.30
CA LEU A 18 -23.03 14.64 4.92
C LEU A 18 -22.26 14.06 6.11
N VAL A 19 -21.45 14.91 6.75
CA VAL A 19 -20.58 14.48 7.84
C VAL A 19 -21.39 14.12 9.06
N SER A 20 -22.38 14.96 9.39
CA SER A 20 -23.11 14.79 10.65
C SER A 20 -24.06 13.60 10.60
N GLU A 21 -24.46 13.18 9.39
CA GLU A 21 -25.37 12.06 9.22
C GLU A 21 -24.65 10.73 9.53
N MET A 22 -23.32 10.69 9.33
CA MET A 22 -22.56 9.44 9.58
C MET A 22 -22.55 9.12 11.09
N LYS A 23 -22.69 7.85 11.44
CA LYS A 23 -22.78 7.45 12.83
C LYS A 23 -21.81 6.32 13.15
N ALA A 24 -21.15 6.47 14.31
CA ALA A 24 -20.24 5.44 14.79
C ALA A 24 -21.00 4.12 14.90
N GLU A 25 -22.25 4.15 15.38
CA GLU A 25 -22.97 2.89 15.64
C GLU A 25 -23.29 2.16 14.33
N ASN A 26 -23.44 2.91 13.24
CA ASN A 26 -23.68 2.29 11.94
C ASN A 26 -22.44 1.65 11.40
N ILE A 27 -21.29 2.34 11.58
CA ILE A 27 -20.03 1.70 11.19
C ILE A 27 -19.82 0.38 11.96
N LYS A 28 -20.16 0.39 13.26
CA LYS A 28 -20.02 -0.79 14.09
C LYS A 28 -20.90 -1.92 13.54
N SER A 29 -22.17 -1.60 13.22
CA SER A 29 -23.04 -2.67 12.73
C SER A 29 -22.62 -3.18 11.40
N PHE A 30 -22.18 -2.28 10.50
CA PHE A 30 -21.65 -2.79 9.24
C PHE A 30 -20.48 -3.71 9.52
N LEU A 31 -19.55 -3.28 10.38
CA LEU A 31 -18.31 -4.08 10.57
C LEU A 31 -18.68 -5.45 11.10
N ARG A 32 -19.59 -5.49 12.10
CA ARG A 32 -19.96 -6.79 12.66
C ARG A 32 -20.53 -7.68 11.55
N SER A 33 -21.35 -7.10 10.68
CA SER A 33 -22.05 -7.89 9.67
C SER A 33 -21.15 -8.47 8.58
N PHE A 34 -19.97 -7.86 8.41
CA PHE A 34 -19.05 -8.26 7.34
C PHE A 34 -17.87 -9.09 7.80
N THR A 35 -17.83 -9.39 9.12
CA THR A 35 -16.65 -10.03 9.69
C THR A 35 -17.00 -11.35 10.40
N LYS A 36 -18.20 -11.89 10.17
CA LYS A 36 -18.54 -13.17 10.78
C LYS A 36 -17.85 -14.37 10.15
N LEU A 37 -17.55 -14.23 8.84
CA LEU A 37 -16.93 -15.32 8.09
C LEU A 37 -15.72 -14.84 7.31
N PRO A 38 -14.81 -15.74 6.97
CA PRO A 38 -13.64 -15.30 6.12
C PRO A 38 -14.16 -14.81 4.76
N HIS A 39 -13.41 -13.93 4.10
CA HIS A 39 -13.87 -13.46 2.80
C HIS A 39 -12.64 -13.24 1.91
N LEU A 40 -11.95 -14.35 1.72
CA LEU A 40 -10.74 -14.43 0.86
C LEU A 40 -11.11 -14.23 -0.62
N ALA A 41 -10.28 -13.50 -1.38
CA ALA A 41 -10.60 -13.27 -2.78
C ALA A 41 -10.76 -14.58 -3.53
N GLY A 42 -11.75 -14.59 -4.41
CA GLY A 42 -11.96 -15.77 -5.28
C GLY A 42 -12.82 -16.84 -4.65
N THR A 43 -13.25 -16.62 -3.39
CA THR A 43 -14.06 -17.65 -2.70
C THR A 43 -15.53 -17.20 -2.71
N GLU A 44 -16.43 -18.16 -2.50
CA GLU A 44 -17.87 -17.84 -2.55
C GLU A 44 -18.23 -16.76 -1.53
N GLN A 45 -17.65 -16.80 -0.33
CA GLN A 45 -18.04 -15.79 0.66
C GLN A 45 -17.72 -14.38 0.21
N ASN A 46 -16.60 -14.18 -0.53
CA ASN A 46 -16.34 -12.81 -0.95
C ASN A 46 -17.21 -12.35 -2.12
N PHE A 47 -17.76 -13.31 -2.87
CA PHE A 47 -18.78 -13.01 -3.88
C PHE A 47 -20.08 -12.64 -3.17
N LEU A 48 -20.46 -13.42 -2.16
CA LEU A 48 -21.67 -13.08 -1.39
C LEU A 48 -21.55 -11.68 -0.78
N LEU A 49 -20.35 -11.32 -0.31
CA LEU A 49 -20.18 -10.02 0.30
C LEU A 49 -20.33 -8.92 -0.77
N ALA A 50 -19.84 -9.17 -1.99
CA ALA A 50 -20.02 -8.21 -3.10
C ALA A 50 -21.50 -7.99 -3.33
N LYS A 51 -22.28 -9.09 -3.36
N LYS A 51 -22.25 -9.09 -3.36
CA LYS A 51 -23.70 -8.94 -3.63
CA LYS A 51 -23.69 -9.03 -3.58
C LYS A 51 -24.42 -8.20 -2.50
C LYS A 51 -24.34 -8.16 -2.52
N LYS A 52 -23.98 -8.41 -1.26
CA LYS A 52 -24.54 -7.68 -0.12
C LYS A 52 -24.27 -6.18 -0.28
N ILE A 53 -23.01 -5.81 -0.59
CA ILE A 53 -22.68 -4.37 -0.82
C ILE A 53 -23.50 -3.80 -1.95
N GLN A 54 -23.64 -4.55 -3.04
CA GLN A 54 -24.44 -4.08 -4.18
C GLN A 54 -25.90 -3.82 -3.76
N THR A 55 -26.48 -4.78 -3.02
CA THR A 55 -27.88 -4.62 -2.55
C THR A 55 -27.98 -3.34 -1.71
N GLN A 56 -26.99 -3.15 -0.83
CA GLN A 56 -27.03 -1.98 0.04
C GLN A 56 -26.93 -0.70 -0.79
N TRP A 57 -26.00 -0.64 -1.76
CA TRP A 57 -25.88 0.61 -2.56
C TRP A 57 -27.19 0.94 -3.28
N LYS A 58 -27.87 -0.08 -3.80
CA LYS A 58 -29.15 0.21 -4.47
C LYS A 58 -30.17 0.74 -3.45
N LYS A 59 -30.17 0.15 -2.26
CA LYS A 59 -31.10 0.62 -1.19
C LYS A 59 -30.78 2.07 -0.84
N PHE A 60 -29.50 2.42 -0.81
CA PHE A 60 -29.09 3.78 -0.45
C PHE A 60 -29.49 4.79 -1.48
N GLY A 61 -29.73 4.35 -2.71
CA GLY A 61 -30.26 5.20 -3.78
C GLY A 61 -29.21 5.59 -4.80
N LEU A 62 -28.09 4.85 -4.84
CA LEU A 62 -27.13 5.13 -5.92
C LEU A 62 -27.75 4.90 -7.29
N ASP A 63 -27.24 5.61 -8.30
CA ASP A 63 -27.81 5.47 -9.65
C ASP A 63 -27.54 4.10 -10.26
N SER A 64 -26.42 3.48 -9.90
CA SER A 64 -26.06 2.18 -10.45
C SER A 64 -25.24 1.48 -9.39
N ALA A 65 -25.26 0.16 -9.46
CA ALA A 65 -24.34 -0.66 -8.66
C ALA A 65 -24.26 -1.99 -9.34
N LYS A 66 -23.12 -2.23 -10.00
CA LYS A 66 -22.96 -3.41 -10.85
C LYS A 66 -21.77 -4.22 -10.41
N LEU A 67 -21.83 -5.53 -10.63
CA LEU A 67 -20.61 -6.37 -10.44
C LEU A 67 -19.84 -6.38 -11.74
N VAL A 68 -18.54 -6.14 -11.62
CA VAL A 68 -17.64 -6.16 -12.79
C VAL A 68 -16.60 -7.22 -12.52
N HIS A 69 -16.47 -8.23 -13.38
CA HIS A 69 -15.57 -9.35 -13.04
C HIS A 69 -14.36 -9.40 -13.94
N TYR A 70 -13.35 -10.07 -13.42
CA TYR A 70 -12.11 -10.41 -14.20
C TYR A 70 -11.72 -11.80 -13.82
N ASP A 71 -10.95 -12.47 -14.71
CA ASP A 71 -10.42 -13.80 -14.39
C ASP A 71 -8.91 -13.64 -14.30
N VAL A 72 -8.39 -13.71 -13.08
CA VAL A 72 -7.00 -13.34 -12.83
C VAL A 72 -6.28 -14.49 -12.11
N LEU A 73 -4.96 -14.50 -12.16
CA LEU A 73 -4.27 -15.55 -11.51
C LEU A 73 -4.24 -15.34 -10.00
N LEU A 74 -4.82 -16.30 -9.25
CA LEU A 74 -4.72 -16.28 -7.77
C LEU A 74 -3.92 -17.50 -7.31
N SER A 75 -3.69 -17.65 -6.01
CA SER A 75 -2.80 -18.69 -5.48
C SER A 75 -3.30 -19.12 -4.12
N TYR A 76 -3.41 -20.44 -3.91
CA TYR A 76 -3.95 -20.96 -2.65
C TYR A 76 -3.18 -22.22 -2.26
N PRO A 77 -3.15 -22.56 -0.96
CA PRO A 77 -2.49 -23.82 -0.57
C PRO A 77 -3.24 -24.99 -1.17
N ASN A 78 -2.51 -26.11 -1.33
CA ASN A 78 -3.12 -27.36 -1.77
C ASN A 78 -3.58 -28.09 -0.52
N GLU A 79 -4.89 -28.32 -0.44
CA GLU A 79 -5.49 -28.96 0.72
C GLU A 79 -4.95 -30.38 0.97
N THR A 80 -4.46 -31.03 -0.07
CA THR A 80 -3.97 -32.40 0.10
C THR A 80 -2.43 -32.53 -0.03
N ASN A 81 -1.72 -31.40 0.01
CA ASN A 81 -0.25 -31.44 0.05
C ASN A 81 0.17 -30.22 0.89
N ALA A 82 0.02 -30.33 2.20
CA ALA A 82 0.18 -29.18 3.09
C ALA A 82 1.65 -28.67 3.09
N ASN A 83 1.80 -27.34 3.23
CA ASN A 83 3.15 -26.76 3.29
C ASN A 83 3.76 -26.89 4.68
N TYR A 84 5.07 -27.02 4.73
CA TYR A 84 5.75 -26.97 6.04
C TYR A 84 7.23 -26.69 5.85
N ILE A 85 7.88 -26.44 6.99
CA ILE A 85 9.33 -26.36 7.04
C ILE A 85 9.77 -27.46 8.02
N SER A 86 10.91 -28.09 7.77
CA SER A 86 11.36 -29.12 8.72
C SER A 86 12.85 -28.98 8.96
N ILE A 87 13.31 -29.65 10.01
CA ILE A 87 14.74 -29.79 10.30
C ILE A 87 15.02 -31.28 10.21
N VAL A 88 16.03 -31.67 9.43
CA VAL A 88 16.41 -33.09 9.41
C VAL A 88 17.81 -33.28 9.94
N ASP A 89 18.10 -34.51 10.36
CA ASP A 89 19.46 -34.86 10.82
C ASP A 89 20.23 -35.41 9.63
N GLU A 90 21.42 -35.91 9.88
CA GLU A 90 22.28 -36.33 8.79
C GLU A 90 21.79 -37.67 8.21
N HIS A 91 20.82 -38.30 8.86
CA HIS A 91 20.25 -39.57 8.40
C HIS A 91 18.92 -39.38 7.72
N GLU A 92 18.62 -38.12 7.38
CA GLU A 92 17.36 -37.72 6.77
C GLU A 92 16.11 -37.90 7.63
N THR A 93 16.30 -38.04 8.93
CA THR A 93 15.14 -38.14 9.83
C THR A 93 14.65 -36.76 10.15
N GLU A 94 13.35 -36.55 9.99
CA GLU A 94 12.73 -35.31 10.39
C GLU A 94 12.72 -35.19 11.89
N ILE A 95 13.41 -34.17 12.42
CA ILE A 95 13.46 -33.95 13.85
C ILE A 95 12.43 -32.95 14.34
N PHE A 96 12.03 -32.02 13.45
CA PHE A 96 11.09 -31.00 13.80
C PHE A 96 10.36 -30.62 12.54
N LYS A 97 9.10 -30.26 12.68
CA LYS A 97 8.27 -29.87 11.53
C LYS A 97 7.33 -28.74 11.98
N THR A 98 7.24 -27.69 11.17
CA THR A 98 6.49 -26.52 11.61
C THR A 98 5.04 -26.90 11.42
N SER A 99 4.13 -26.16 12.05
CA SER A 99 2.77 -26.71 12.10
C SER A 99 1.74 -25.90 11.37
N LEU A 101 -2.70 -26.82 11.63
CA LEU A 101 -2.14 -26.01 12.72
C LEU A 101 -3.16 -25.58 13.80
N GLU A 102 -3.79 -24.40 13.66
CA GLU A 102 -4.47 -23.74 14.80
C GLU A 102 -5.99 -23.59 14.70
N PRO A 103 -6.69 -23.63 15.85
CA PRO A 103 -8.15 -23.48 15.88
C PRO A 103 -8.56 -22.07 15.50
N PRO A 104 -9.81 -21.90 15.08
CA PRO A 104 -10.28 -20.54 14.86
C PRO A 104 -10.29 -19.78 16.18
N PRO A 105 -10.35 -18.43 16.12
CA PRO A 105 -10.39 -17.68 17.38
C PRO A 105 -11.66 -17.98 18.19
N ASP A 106 -11.62 -17.72 19.50
CA ASP A 106 -12.80 -17.94 20.33
C ASP A 106 -14.06 -17.32 19.74
N GLY A 107 -15.13 -18.10 19.66
CA GLY A 107 -16.37 -17.63 19.09
C GLY A 107 -16.58 -18.02 17.64
N TYR A 108 -15.49 -18.46 17.00
CA TYR A 108 -15.50 -18.80 15.58
C TYR A 108 -15.26 -20.29 15.36
N GLU A 109 -15.58 -21.08 16.40
CA GLU A 109 -15.24 -22.51 16.39
C GLU A 109 -15.84 -23.26 15.21
N ASN A 110 -17.00 -22.83 14.73
CA ASN A 110 -17.64 -23.54 13.65
C ASN A 110 -17.22 -23.06 12.26
N VAL A 111 -16.23 -22.17 12.19
CA VAL A 111 -15.76 -21.67 10.89
C VAL A 111 -14.78 -22.66 10.32
N THR A 112 -15.04 -23.14 9.10
CA THR A 112 -14.31 -24.31 8.62
C THR A 112 -13.30 -24.07 7.49
N ASN A 113 -13.38 -22.89 6.88
CA ASN A 113 -12.60 -22.65 5.67
C ASN A 113 -11.58 -21.51 5.86
N ILE A 114 -11.03 -21.42 7.05
CA ILE A 114 -9.91 -20.46 7.23
C ILE A 114 -8.70 -20.95 6.45
N VAL A 115 -8.09 -20.08 5.64
CA VAL A 115 -6.95 -20.54 4.80
C VAL A 115 -5.74 -20.61 5.73
N PRO A 116 -5.00 -21.73 5.68
CA PRO A 116 -3.83 -21.75 6.60
C PRO A 116 -2.76 -20.76 6.16
N PRO A 117 -1.79 -20.48 7.02
CA PRO A 117 -0.79 -19.48 6.64
C PRO A 117 0.00 -19.99 5.42
N TYR A 118 0.24 -19.05 4.51
CA TYR A 118 1.06 -19.34 3.34
C TYR A 118 1.40 -18.01 2.74
N ASN A 119 2.34 -18.03 1.79
CA ASN A 119 2.64 -16.79 1.03
C ASN A 119 2.22 -16.99 -0.41
N ALA A 120 1.14 -16.32 -0.78
CA ALA A 120 0.60 -16.50 -2.12
C ALA A 120 1.65 -16.22 -3.21
N PHE A 121 1.67 -17.09 -4.21
CA PHE A 121 2.56 -17.04 -5.41
C PHE A 121 3.96 -17.51 -5.13
N SER A 122 4.21 -18.02 -3.92
CA SER A 122 5.51 -18.71 -3.72
C SER A 122 5.76 -19.73 -4.85
N ALA A 123 7.03 -19.88 -5.23
CA ALA A 123 7.33 -21.02 -6.12
C ALA A 123 7.02 -22.33 -5.37
N GLN A 124 6.82 -23.42 -6.12
CA GLN A 124 6.76 -24.77 -5.52
C GLN A 124 8.17 -25.34 -5.40
N GLY A 125 8.39 -26.07 -4.33
CA GLY A 125 9.64 -26.82 -4.26
C GLY A 125 9.89 -27.39 -2.89
N MET A 126 10.95 -28.20 -2.83
CA MET A 126 11.41 -28.80 -1.58
C MET A 126 12.93 -28.60 -1.41
N PRO A 127 13.37 -27.35 -1.37
CA PRO A 127 14.80 -27.12 -1.18
C PRO A 127 15.27 -27.57 0.18
N GLU A 128 16.53 -27.98 0.28
CA GLU A 128 17.13 -28.37 1.56
C GLU A 128 18.51 -27.74 1.57
N GLY A 129 18.90 -27.22 2.72
CA GLY A 129 20.25 -26.65 2.81
C GLY A 129 20.55 -26.13 4.18
N ASP A 130 21.67 -25.42 4.28
CA ASP A 130 22.01 -24.77 5.55
C ASP A 130 21.18 -23.48 5.65
N LEU A 131 20.90 -23.10 6.90
CA LEU A 131 20.08 -21.92 7.23
C LEU A 131 20.99 -20.73 7.51
N VAL A 132 20.53 -19.57 7.05
CA VAL A 132 21.19 -18.28 7.35
C VAL A 132 20.15 -17.26 7.73
N TYR A 133 20.38 -16.54 8.83
CA TYR A 133 19.48 -15.49 9.29
C TYR A 133 19.88 -14.16 8.64
N VAL A 134 18.88 -13.51 8.02
CA VAL A 134 19.19 -12.32 7.19
C VAL A 134 18.48 -11.05 7.68
N ASN A 135 18.17 -10.99 8.98
CA ASN A 135 17.51 -9.83 9.57
C ASN A 135 16.21 -9.58 8.82
N TYR A 136 15.96 -8.36 8.33
CA TYR A 136 14.68 -8.07 7.67
C TYR A 136 14.77 -8.33 6.20
N ALA A 137 15.86 -8.91 5.70
CA ALA A 137 16.04 -9.16 4.24
C ALA A 137 15.87 -7.87 3.41
N ARG A 138 16.25 -6.76 4.04
CA ARG A 138 16.31 -5.50 3.26
C ARG A 138 17.55 -5.46 2.37
N THR A 139 17.52 -4.55 1.37
CA THR A 139 18.73 -4.34 0.58
C THR A 139 19.97 -4.12 1.44
N GLU A 140 19.86 -3.27 2.46
CA GLU A 140 21.04 -2.99 3.32
C GLU A 140 21.45 -4.20 4.13
N ASP A 141 20.49 -5.09 4.46
CA ASP A 141 20.86 -6.30 5.22
C ASP A 141 21.72 -7.21 4.33
N PHE A 142 21.31 -7.39 3.08
CA PHE A 142 22.09 -8.23 2.16
C PHE A 142 23.41 -7.57 1.81
N PHE A 143 23.41 -6.24 1.66
CA PHE A 143 24.72 -5.57 1.46
C PHE A 143 25.65 -5.93 2.62
N LYS A 144 25.14 -5.80 3.84
CA LYS A 144 25.98 -6.03 5.03
C LYS A 144 26.51 -7.46 5.03
N LEU A 145 25.65 -8.42 4.70
CA LEU A 145 26.04 -9.83 4.72
C LEU A 145 27.17 -10.07 3.78
N GLU A 146 27.04 -9.58 2.55
CA GLU A 146 28.04 -9.83 1.53
C GLU A 146 29.30 -8.97 1.65
N ARG A 147 29.13 -7.70 2.00
CA ARG A 147 30.25 -6.74 1.92
C ARG A 147 30.97 -6.59 3.22
N GLU A 148 30.35 -6.93 4.35
CA GLU A 148 30.97 -6.69 5.67
C GLU A 148 31.14 -7.95 6.48
N MET A 149 30.19 -8.88 6.34
CA MET A 149 30.09 -10.02 7.28
C MET A 149 30.67 -11.30 6.76
N GLY A 150 31.06 -11.32 5.49
CA GLY A 150 31.66 -12.54 4.94
C GLY A 150 30.70 -13.68 4.69
N ILE A 151 29.40 -13.37 4.59
CA ILE A 151 28.40 -14.41 4.44
C ILE A 151 27.95 -14.52 2.99
N ASN A 152 27.87 -15.75 2.48
CA ASN A 152 27.43 -15.97 1.12
C ASN A 152 26.09 -16.69 1.15
N CYS A 153 24.99 -16.03 0.76
CA CYS A 153 23.70 -16.71 0.83
C CYS A 153 23.41 -17.64 -0.37
N THR A 154 24.35 -17.74 -1.31
CA THR A 154 24.09 -18.58 -2.46
C THR A 154 23.91 -20.01 -2.03
N GLY A 155 22.78 -20.61 -2.43
CA GLY A 155 22.52 -22.00 -2.10
C GLY A 155 21.99 -22.25 -0.70
N LYS A 156 21.75 -21.19 0.06
CA LYS A 156 21.27 -21.31 1.43
C LYS A 156 19.73 -21.14 1.46
N ILE A 157 19.10 -21.68 2.51
CA ILE A 157 17.74 -21.25 2.87
C ILE A 157 17.94 -20.11 3.86
N VAL A 158 17.27 -19.00 3.58
CA VAL A 158 17.40 -17.84 4.49
C VAL A 158 16.14 -17.72 5.31
N ILE A 159 16.32 -17.20 6.53
CA ILE A 159 15.17 -16.89 7.40
C ILE A 159 15.21 -15.40 7.71
N ALA A 160 14.09 -14.74 7.42
CA ALA A 160 14.05 -13.28 7.62
C ALA A 160 12.87 -12.93 8.50
N ARG A 161 13.02 -11.91 9.33
CA ARG A 161 11.84 -11.45 10.06
C ARG A 161 11.03 -10.50 9.20
N TYR A 162 9.72 -10.59 9.37
CA TYR A 162 8.82 -9.68 8.75
C TYR A 162 9.04 -8.30 9.39
N GLY A 163 8.63 -7.29 8.61
CA GLY A 163 8.66 -5.90 9.12
C GLY A 163 9.54 -5.02 8.26
N LYS A 164 9.35 -3.72 8.50
CA LYS A 164 10.13 -2.65 7.80
C LYS A 164 9.82 -2.42 6.34
N ILE A 165 9.70 -3.50 5.57
CA ILE A 165 9.44 -3.38 4.13
C ILE A 165 8.43 -4.43 3.66
N PHE A 166 7.87 -4.21 2.49
CA PHE A 166 6.93 -5.16 1.89
C PHE A 166 7.62 -6.52 1.69
N ARG A 167 6.89 -7.58 2.01
CA ARG A 167 7.49 -8.93 1.95
C ARG A 167 7.95 -9.40 0.58
N GLY A 168 7.30 -8.91 -0.47
CA GLY A 168 7.76 -9.26 -1.81
C GLY A 168 9.16 -8.70 -2.08
N ASN A 169 9.47 -7.52 -1.52
CA ASN A 169 10.83 -6.98 -1.64
C ASN A 169 11.85 -7.89 -0.98
N LYS A 170 11.47 -8.45 0.19
CA LYS A 170 12.40 -9.38 0.86
C LYS A 170 12.72 -10.55 -0.05
N VAL A 171 11.67 -11.09 -0.68
CA VAL A 171 11.84 -12.28 -1.51
C VAL A 171 12.70 -11.94 -2.75
N LYS A 172 12.41 -10.78 -3.37
CA LYS A 172 13.25 -10.30 -4.50
C LYS A 172 14.70 -10.24 -4.06
N ASN A 173 14.93 -9.67 -2.87
CA ASN A 173 16.32 -9.51 -2.36
C ASN A 173 16.95 -10.88 -2.14
N ALA A 174 16.22 -11.79 -1.52
CA ALA A 174 16.77 -13.12 -1.27
C ALA A 174 17.09 -13.86 -2.57
N MET A 175 16.24 -13.69 -3.58
CA MET A 175 16.56 -14.30 -4.88
C MET A 175 17.86 -13.71 -5.44
N LEU A 176 17.99 -12.38 -5.40
N LEU A 176 18.00 -12.37 -5.37
CA LEU A 176 19.20 -11.74 -5.93
CA LEU A 176 19.20 -11.69 -5.90
C LEU A 176 20.44 -12.28 -5.21
C LEU A 176 20.46 -12.07 -5.15
N ALA A 177 20.30 -12.51 -3.89
CA ALA A 177 21.47 -12.98 -3.08
C ALA A 177 21.77 -14.46 -3.29
N GLY A 178 20.94 -15.13 -4.07
CA GLY A 178 21.18 -16.53 -4.42
C GLY A 178 20.58 -17.55 -3.49
N ALA A 179 19.69 -17.12 -2.60
CA ALA A 179 19.06 -18.09 -1.71
C ALA A 179 18.20 -19.06 -2.52
N ILE A 180 17.99 -20.27 -2.00
CA ILE A 180 17.13 -21.26 -2.66
C ILE A 180 15.76 -21.38 -2.02
N GLY A 181 15.54 -20.58 -0.94
CA GLY A 181 14.22 -20.58 -0.27
C GLY A 181 14.31 -19.50 0.79
N ILE A 182 13.13 -18.97 1.15
CA ILE A 182 13.08 -17.97 2.24
C ILE A 182 11.90 -18.22 3.17
N ILE A 183 12.23 -18.33 4.47
CA ILE A 183 11.26 -18.49 5.53
C ILE A 183 11.06 -17.12 6.12
N LEU A 184 9.77 -16.72 6.26
CA LEU A 184 9.44 -15.42 6.88
C LEU A 184 8.82 -15.69 8.23
N TYR A 185 9.12 -14.88 9.24
CA TYR A 185 8.47 -15.08 10.54
C TYR A 185 8.25 -13.78 11.23
N SER A 186 7.35 -13.83 12.22
CA SER A 186 7.00 -12.60 12.95
C SER A 186 7.77 -12.55 14.27
N ASP A 187 8.79 -11.70 14.33
CA ASP A 187 9.51 -11.59 15.60
C ASP A 187 8.74 -10.77 16.60
N PRO A 188 8.72 -11.17 17.89
CA PRO A 188 8.01 -10.31 18.83
C PRO A 188 8.63 -8.93 18.95
N ALA A 189 9.89 -8.73 18.58
CA ALA A 189 10.44 -7.37 18.58
C ALA A 189 9.57 -6.46 17.69
N ASP A 190 9.01 -7.04 16.63
CA ASP A 190 8.28 -6.28 15.60
C ASP A 190 6.78 -6.44 15.66
N TYR A 191 6.28 -7.47 16.32
CA TYR A 191 4.83 -7.72 16.37
C TYR A 191 4.26 -8.03 17.74
N PHE A 192 4.98 -7.63 18.78
CA PHE A 192 4.49 -7.86 20.16
C PHE A 192 4.74 -6.59 20.94
N ALA A 193 3.69 -5.82 21.21
CA ALA A 193 3.80 -4.52 21.87
C ALA A 193 4.10 -4.76 23.37
N PRO A 194 4.93 -3.90 23.96
CA PRO A 194 5.31 -4.13 25.36
C PRO A 194 4.11 -4.08 26.31
N GLU A 195 4.12 -4.97 27.31
CA GLU A 195 3.07 -5.08 28.35
C GLU A 195 1.64 -5.19 27.85
N VAL A 196 1.48 -5.82 26.68
CA VAL A 196 0.16 -6.18 26.20
C VAL A 196 0.05 -7.71 26.10
N GLN A 197 -1.10 -8.26 26.43
CA GLN A 197 -1.27 -9.70 26.38
C GLN A 197 -1.57 -10.18 24.95
N PRO A 198 -1.22 -11.43 24.62
CA PRO A 198 -1.61 -11.97 23.32
C PRO A 198 -3.12 -12.14 23.23
N TYR A 199 -3.66 -12.04 22.03
CA TYR A 199 -5.06 -12.41 21.80
C TYR A 199 -5.39 -13.78 22.42
N PRO A 200 -6.55 -13.93 23.06
CA PRO A 200 -7.70 -13.01 23.17
C PRO A 200 -7.67 -12.03 24.35
N LYS A 201 -6.74 -12.23 25.29
CA LYS A 201 -6.70 -11.34 26.48
C LYS A 201 -6.26 -9.92 26.14
N GLY A 202 -5.42 -9.77 25.11
CA GLY A 202 -5.03 -8.44 24.62
C GLY A 202 -4.89 -8.50 23.09
N TRP A 203 -4.23 -7.49 22.52
CA TRP A 203 -4.20 -7.36 21.06
C TRP A 203 -2.88 -7.80 20.44
N ASN A 204 -2.09 -8.50 21.21
CA ASN A 204 -0.80 -8.95 20.66
C ASN A 204 -0.86 -10.25 19.92
N LEU A 205 0.20 -10.51 19.16
CA LEU A 205 0.29 -11.68 18.31
C LEU A 205 0.69 -12.89 19.15
N PRO A 206 -0.11 -13.97 19.16
CA PRO A 206 0.33 -15.21 19.80
C PRO A 206 1.48 -15.88 19.04
N GLY A 207 2.25 -16.71 19.73
CA GLY A 207 3.40 -17.37 19.07
C GLY A 207 3.06 -18.46 18.07
N THR A 208 1.77 -18.83 17.96
CA THR A 208 1.32 -19.87 17.06
C THR A 208 0.84 -19.32 15.72
N ALA A 209 0.73 -17.99 15.63
CA ALA A 209 0.07 -17.31 14.48
C ALA A 209 1.10 -16.89 13.45
N ALA A 210 0.75 -16.99 12.18
CA ALA A 210 1.66 -16.53 11.14
C ALA A 210 0.91 -15.53 10.21
N GLN A 211 1.70 -14.63 9.64
CA GLN A 211 1.19 -13.56 8.78
C GLN A 211 1.12 -14.08 7.35
N ARG A 212 -0.08 -14.03 6.78
CA ARG A 212 -0.28 -14.34 5.34
C ARG A 212 0.08 -13.13 4.49
N GLY A 213 0.29 -13.39 3.21
CA GLY A 213 0.45 -12.26 2.27
C GLY A 213 1.15 -12.68 0.99
N ASN A 214 0.83 -11.98 -0.09
CA ASN A 214 1.48 -12.38 -1.33
C ASN A 214 2.95 -11.89 -1.38
N VAL A 215 3.72 -12.58 -2.22
CA VAL A 215 5.15 -12.27 -2.33
C VAL A 215 5.52 -12.00 -3.81
N LEU A 216 4.57 -11.45 -4.56
CA LEU A 216 4.91 -11.01 -5.91
C LEU A 216 5.75 -9.74 -5.91
N ASN A 217 6.43 -9.48 -7.05
CA ASN A 217 7.07 -8.20 -7.35
C ASN A 217 6.50 -7.62 -8.61
N LEU A 218 5.27 -7.09 -8.49
CA LEU A 218 4.53 -6.73 -9.70
C LEU A 218 4.93 -5.39 -10.28
N ASN A 219 5.45 -4.50 -9.43
CA ASN A 219 5.75 -3.13 -9.91
C ASN A 219 4.57 -2.53 -10.70
N GLY A 220 3.37 -2.69 -10.17
CA GLY A 220 2.22 -1.98 -10.74
C GLY A 220 1.54 -2.71 -11.86
N ALA A 221 1.92 -3.96 -12.18
CA ALA A 221 1.38 -4.62 -13.38
C ALA A 221 -0.07 -5.12 -13.27
N GLY A 222 -0.53 -5.40 -12.03
CA GLY A 222 -1.89 -6.00 -11.93
C GLY A 222 -1.81 -7.51 -12.10
N ASP A 223 -2.87 -8.12 -12.64
CA ASP A 223 -2.85 -9.60 -12.82
C ASP A 223 -1.55 -10.01 -13.51
N PRO A 224 -0.85 -11.02 -12.94
CA PRO A 224 0.41 -11.41 -13.56
C PRO A 224 0.34 -11.82 -15.00
N LEU A 225 -0.84 -12.31 -15.46
CA LEU A 225 -0.88 -12.90 -16.82
C LEU A 225 -1.26 -11.90 -17.89
N THR A 226 -1.72 -10.70 -17.50
CA THR A 226 -2.29 -9.77 -18.50
C THR A 226 -1.81 -8.34 -18.32
N PRO A 227 -0.48 -8.14 -18.19
CA PRO A 227 -0.01 -6.77 -17.97
C PRO A 227 -0.39 -5.84 -19.09
N GLY A 228 -0.98 -4.71 -18.69
CA GLY A 228 -1.34 -3.66 -19.63
C GLY A 228 -2.82 -3.66 -19.99
N TYR A 229 -3.51 -4.80 -19.85
CA TYR A 229 -4.86 -4.98 -20.48
C TYR A 229 -5.74 -5.70 -19.47
N PRO A 230 -7.04 -5.37 -19.48
CA PRO A 230 -7.93 -5.99 -18.46
C PRO A 230 -8.12 -7.47 -18.76
N ALA A 231 -8.19 -8.25 -17.70
CA ALA A 231 -8.26 -9.72 -17.82
C ALA A 231 -9.72 -10.16 -18.09
N LYS A 232 -10.15 -9.96 -19.33
CA LYS A 232 -11.51 -10.34 -19.78
C LYS A 232 -11.49 -11.77 -20.30
N GLU A 233 -12.63 -12.25 -20.75
N GLU A 233 -12.62 -12.33 -20.71
CA GLU A 233 -12.74 -13.63 -21.14
CA GLU A 233 -12.63 -13.76 -21.11
C GLU A 233 -11.84 -13.97 -22.34
C GLU A 233 -11.92 -14.06 -22.44
N TYR A 234 -11.79 -13.04 -23.30
CA TYR A 234 -11.11 -13.23 -24.60
C TYR A 234 -9.61 -12.93 -24.50
N THR A 235 -9.17 -12.39 -23.37
CA THR A 235 -7.85 -11.72 -23.32
C THR A 235 -6.69 -12.69 -23.43
N PHE A 236 -5.70 -12.26 -24.22
CA PHE A 236 -4.45 -13.02 -24.29
C PHE A 236 -3.83 -13.05 -22.89
N ARG A 237 -3.38 -14.24 -22.50
CA ARG A 237 -2.63 -14.45 -21.25
C ARG A 237 -1.23 -14.98 -21.49
N LEU A 238 -0.28 -14.38 -20.80
CA LEU A 238 1.06 -14.98 -20.73
C LEU A 238 0.97 -16.42 -20.21
N ASP A 239 1.95 -17.23 -20.62
CA ASP A 239 2.08 -18.55 -20.02
C ASP A 239 2.36 -18.34 -18.53
N VAL A 240 1.83 -19.23 -17.70
CA VAL A 240 2.01 -18.97 -16.25
C VAL A 240 3.47 -18.86 -15.84
N GLU A 241 4.34 -19.64 -16.45
CA GLU A 241 5.77 -19.50 -16.14
C GLU A 241 6.37 -18.12 -16.42
N GLU A 242 5.69 -17.30 -17.22
CA GLU A 242 6.16 -16.01 -17.58
C GLU A 242 5.31 -14.94 -16.84
N GLY A 243 4.45 -15.37 -15.92
CA GLY A 243 3.59 -14.38 -15.19
C GLY A 243 4.46 -13.32 -14.55
N VAL A 244 4.05 -12.05 -14.63
CA VAL A 244 4.87 -10.95 -14.10
C VAL A 244 4.97 -11.07 -12.59
N GLY A 245 6.21 -10.93 -12.08
CA GLY A 245 6.40 -10.77 -10.62
C GLY A 245 6.44 -12.04 -9.80
N ILE A 246 6.25 -13.19 -10.44
CA ILE A 246 6.21 -14.45 -9.70
C ILE A 246 7.59 -14.88 -9.25
N PRO A 247 7.77 -15.06 -7.93
CA PRO A 247 9.12 -15.42 -7.47
C PRO A 247 9.52 -16.83 -7.92
N ARG A 248 10.83 -17.08 -7.89
CA ARG A 248 11.39 -18.31 -8.41
C ARG A 248 11.91 -19.21 -7.29
N ILE A 249 11.68 -18.85 -6.04
CA ILE A 249 12.07 -19.70 -4.92
C ILE A 249 10.86 -19.84 -3.98
N PRO A 250 10.85 -20.92 -3.17
CA PRO A 250 9.74 -21.07 -2.23
C PRO A 250 9.83 -20.07 -1.06
N VAL A 251 8.66 -19.71 -0.58
CA VAL A 251 8.52 -18.75 0.53
C VAL A 251 7.37 -19.25 1.39
N HIS A 252 7.58 -19.23 2.72
CA HIS A 252 6.48 -19.67 3.58
C HIS A 252 6.63 -18.95 4.93
N PRO A 253 5.52 -18.59 5.59
CA PRO A 253 5.58 -17.85 6.85
C PRO A 253 5.28 -18.74 8.05
N ILE A 254 5.98 -18.46 9.15
CA ILE A 254 5.78 -19.18 10.40
C ILE A 254 5.68 -18.22 11.57
N GLY A 255 5.12 -18.75 12.64
CA GLY A 255 5.00 -17.91 13.81
C GLY A 255 6.27 -17.98 14.65
N TYR A 256 6.31 -17.21 15.74
CA TYR A 256 7.58 -17.13 16.46
C TYR A 256 7.90 -18.31 17.32
N ASN A 257 6.91 -19.11 17.72
CA ASN A 257 7.27 -20.32 18.48
C ASN A 257 8.11 -21.22 17.58
N ASP A 258 7.67 -21.40 16.33
CA ASP A 258 8.42 -22.26 15.41
C ASP A 258 9.73 -21.58 15.02
N ALA A 259 9.73 -20.24 14.80
CA ALA A 259 11.00 -19.63 14.41
C ALA A 259 12.04 -19.77 15.48
N GLU A 260 11.63 -19.67 16.74
N GLU A 260 11.63 -19.69 16.74
CA GLU A 260 12.59 -19.82 17.86
CA GLU A 260 12.58 -19.85 17.87
C GLU A 260 13.33 -21.16 17.73
C GLU A 260 13.31 -21.19 17.79
N ILE A 261 12.58 -22.22 17.39
CA ILE A 261 13.17 -23.55 17.27
C ILE A 261 14.20 -23.57 16.14
N LEU A 262 13.89 -22.91 15.03
CA LEU A 262 14.84 -22.89 13.91
C LEU A 262 16.06 -22.05 14.17
N LEU A 263 15.86 -20.95 14.90
CA LEU A 263 16.99 -20.02 15.16
C LEU A 263 17.91 -20.47 16.28
N ARG A 264 17.37 -21.24 17.24
CA ARG A 264 18.10 -21.51 18.49
C ARG A 264 19.55 -21.99 18.30
N TYR A 265 19.76 -22.92 17.38
CA TYR A 265 21.08 -23.57 17.27
C TYR A 265 21.84 -23.05 16.08
N LEU A 266 21.44 -21.90 15.52
CA LEU A 266 22.28 -21.34 14.46
C LEU A 266 23.68 -21.04 14.98
N GLY A 267 24.68 -21.44 14.19
CA GLY A 267 26.06 -21.20 14.55
C GLY A 267 26.72 -20.10 13.73
N GLY A 268 28.00 -20.28 13.50
CA GLY A 268 28.76 -19.25 12.77
C GLY A 268 28.89 -17.93 13.53
N ILE A 269 28.87 -16.83 12.77
CA ILE A 269 29.19 -15.54 13.37
C ILE A 269 28.08 -15.04 14.29
N ALA A 270 28.49 -14.35 15.34
CA ALA A 270 27.54 -13.65 16.21
C ALA A 270 26.76 -12.59 15.43
N PRO A 271 25.57 -12.21 15.93
CA PRO A 271 24.91 -11.06 15.27
C PRO A 271 25.88 -9.85 15.30
N PRO A 272 25.87 -9.04 14.23
CA PRO A 272 26.93 -8.05 14.08
C PRO A 272 26.75 -6.83 14.98
N ASP A 273 25.50 -6.56 15.36
CA ASP A 273 25.17 -5.46 16.27
C ASP A 273 23.77 -5.69 16.77
N LYS A 274 23.37 -4.91 17.78
CA LYS A 274 22.03 -5.09 18.38
C LYS A 274 20.86 -4.94 17.42
N SER A 275 21.04 -4.23 16.32
CA SER A 275 19.92 -4.01 15.37
C SER A 275 19.53 -5.28 14.62
N TRP A 276 20.39 -6.30 14.72
CA TRP A 276 20.11 -7.61 14.13
C TRP A 276 19.43 -8.57 15.11
N LYS A 277 19.36 -8.25 16.40
CA LYS A 277 18.85 -9.16 17.41
C LYS A 277 17.39 -8.81 17.67
N GLY A 278 16.51 -9.79 17.49
CA GLY A 278 15.11 -9.62 17.82
C GLY A 278 14.90 -9.96 19.31
N ALA A 279 13.70 -10.40 19.68
CA ALA A 279 13.32 -10.51 21.07
C ALA A 279 13.18 -11.90 21.61
N LEU A 280 13.38 -12.92 20.74
CA LEU A 280 13.31 -14.29 21.19
C LEU A 280 14.55 -14.63 22.02
N ASN A 281 14.40 -15.70 22.80
CA ASN A 281 15.48 -16.13 23.70
C ASN A 281 16.47 -17.00 22.93
N VAL A 282 17.06 -16.42 21.87
CA VAL A 282 18.04 -17.12 21.02
C VAL A 282 19.15 -16.14 20.72
N SER A 283 20.27 -16.64 20.19
CA SER A 283 21.40 -15.74 20.06
C SER A 283 21.32 -14.77 18.89
N TYR A 284 20.55 -15.11 17.88
CA TYR A 284 20.51 -14.37 16.60
C TYR A 284 21.88 -14.43 15.89
N SER A 285 22.61 -15.54 16.11
CA SER A 285 23.77 -15.83 15.26
C SER A 285 23.31 -16.05 13.84
N ILE A 286 24.24 -15.91 12.90
CA ILE A 286 23.83 -15.76 11.49
C ILE A 286 23.79 -17.08 10.74
N GLY A 287 24.54 -18.08 11.20
CA GLY A 287 24.76 -19.21 10.33
C GLY A 287 25.86 -18.88 9.35
N PRO A 288 26.04 -19.72 8.31
CA PRO A 288 25.26 -20.91 8.00
C PRO A 288 25.57 -22.06 8.89
N GLY A 289 24.53 -22.90 9.06
CA GLY A 289 24.69 -24.10 9.81
C GLY A 289 24.36 -23.99 11.28
N PHE A 290 24.26 -25.15 11.92
CA PHE A 290 23.88 -25.27 13.31
C PHE A 290 25.06 -25.68 14.17
N THR A 291 24.94 -25.42 15.47
CA THR A 291 25.96 -25.89 16.44
C THR A 291 25.27 -26.21 17.73
N GLY A 292 25.78 -27.17 18.49
CA GLY A 292 25.25 -27.42 19.81
C GLY A 292 24.07 -28.36 19.87
N SER A 293 23.72 -28.96 18.73
CA SER A 293 22.55 -29.85 18.65
C SER A 293 22.90 -31.31 18.40
N SER A 295 21.23 -33.20 16.60
CA SER A 295 20.37 -33.72 15.56
C SER A 295 19.96 -32.68 14.53
N PHE A 296 20.14 -31.40 14.83
CA PHE A 296 19.78 -30.39 13.82
C PHE A 296 20.91 -30.27 12.80
N ARG A 297 20.61 -30.66 11.54
CA ARG A 297 21.64 -30.66 10.50
C ARG A 297 21.31 -29.83 9.27
N LYS A 298 20.12 -30.01 8.72
CA LYS A 298 19.75 -29.19 7.56
C LYS A 298 18.30 -28.75 7.71
N VAL A 299 17.92 -27.66 7.04
CA VAL A 299 16.54 -27.22 7.01
C VAL A 299 15.95 -27.55 5.63
N ARG A 300 14.67 -27.91 5.62
CA ARG A 300 13.96 -28.16 4.37
C ARG A 300 12.71 -27.31 4.33
N MET A 301 12.37 -26.87 3.13
CA MET A 301 11.02 -26.31 2.95
C MET A 301 10.24 -27.27 2.07
N HIS A 302 8.91 -27.22 2.21
CA HIS A 302 8.04 -28.02 1.36
C HIS A 302 6.82 -27.15 1.06
N VAL A 303 6.82 -26.54 -0.13
CA VAL A 303 5.78 -25.55 -0.45
C VAL A 303 5.17 -25.89 -1.79
N TYR A 304 3.87 -26.09 -1.81
CA TYR A 304 3.21 -26.58 -3.02
C TYR A 304 1.86 -25.89 -3.22
N ASN A 305 1.84 -24.57 -3.01
CA ASN A 305 0.63 -23.81 -3.34
C ASN A 305 0.33 -23.91 -4.82
N ILE A 306 -0.94 -23.73 -5.14
CA ILE A 306 -1.50 -23.86 -6.50
C ILE A 306 -1.81 -22.48 -7.02
N ASN A 307 -1.34 -22.16 -8.23
CA ASN A 307 -1.78 -20.92 -8.86
C ASN A 307 -2.86 -21.31 -9.85
N LYS A 308 -3.96 -20.56 -9.85
CA LYS A 308 -5.05 -20.87 -10.76
C LYS A 308 -5.84 -19.63 -11.16
N ILE A 309 -6.26 -19.55 -12.43
CA ILE A 309 -7.06 -18.41 -12.87
C ILE A 309 -8.41 -18.54 -12.20
N THR A 310 -8.82 -17.44 -11.58
CA THR A 310 -10.02 -17.43 -10.69
C THR A 310 -10.78 -16.16 -10.94
N ARG A 311 -12.13 -16.27 -10.93
CA ARG A 311 -12.94 -15.06 -11.14
C ARG A 311 -12.98 -14.18 -9.89
N ILE A 312 -12.82 -12.89 -10.10
CA ILE A 312 -12.95 -11.89 -9.01
C ILE A 312 -13.99 -10.86 -9.41
N TYR A 313 -14.54 -10.17 -8.42
CA TYR A 313 -15.67 -9.28 -8.68
C TYR A 313 -15.49 -7.94 -7.98
N ASN A 314 -15.48 -6.86 -8.75
CA ASN A 314 -15.54 -5.56 -8.12
C ASN A 314 -17.03 -5.16 -8.09
N VAL A 315 -17.42 -4.34 -7.12
CA VAL A 315 -18.76 -3.71 -7.23
C VAL A 315 -18.47 -2.25 -7.60
N VAL A 316 -19.12 -1.76 -8.67
CA VAL A 316 -18.85 -0.42 -9.13
C VAL A 316 -20.18 0.29 -9.24
N GLY A 317 -20.32 1.40 -8.52
CA GLY A 317 -21.57 2.17 -8.53
C GLY A 317 -21.34 3.63 -8.77
N THR A 318 -22.44 4.36 -9.04
CA THR A 318 -22.26 5.78 -9.40
C THR A 318 -23.35 6.63 -8.80
N ILE A 319 -23.04 7.90 -8.63
CA ILE A 319 -24.03 8.98 -8.54
C ILE A 319 -23.63 9.97 -9.60
N ARG A 320 -24.43 10.07 -10.66
CA ARG A 320 -24.08 10.87 -11.85
C ARG A 320 -24.13 12.36 -11.56
N GLY A 321 -23.15 13.12 -12.06
CA GLY A 321 -23.15 14.57 -11.83
C GLY A 321 -24.26 15.28 -12.61
N SER A 322 -24.77 16.37 -12.01
CA SER A 322 -25.81 17.17 -12.68
C SER A 322 -25.26 18.20 -13.63
N VAL A 323 -23.98 18.56 -13.52
CA VAL A 323 -23.41 19.62 -14.34
C VAL A 323 -22.25 19.07 -15.19
N GLU A 324 -21.36 18.31 -14.54
CA GLU A 324 -20.20 17.73 -15.25
C GLU A 324 -20.22 16.20 -15.05
N PRO A 325 -21.18 15.49 -15.69
CA PRO A 325 -21.25 14.02 -15.55
C PRO A 325 -20.05 13.31 -16.11
N ASP A 326 -19.27 14.00 -16.91
CA ASP A 326 -18.05 13.43 -17.54
C ASP A 326 -16.80 13.80 -16.73
N ARG A 327 -16.96 14.06 -15.40
CA ARG A 327 -15.80 14.26 -14.52
C ARG A 327 -16.03 13.38 -13.28
N TYR A 328 -14.98 12.73 -12.80
CA TYR A 328 -15.18 11.69 -11.80
C TYR A 328 -14.37 11.92 -10.51
N VAL A 329 -14.99 11.59 -9.37
CA VAL A 329 -14.20 11.40 -8.14
C VAL A 329 -14.48 9.96 -7.73
N ILE A 330 -13.41 9.20 -7.52
CA ILE A 330 -13.51 7.78 -7.19
C ILE A 330 -13.30 7.57 -5.74
N LEU A 331 -14.26 6.89 -5.09
CA LEU A 331 -14.07 6.45 -3.68
C LEU A 331 -14.00 4.91 -3.76
N GLY A 332 -12.78 4.35 -3.58
CA GLY A 332 -12.59 2.91 -3.81
C GLY A 332 -11.91 2.28 -2.63
N GLY A 333 -12.40 1.09 -2.27
CA GLY A 333 -11.70 0.37 -1.16
C GLY A 333 -11.86 -1.13 -1.39
N HIS A 334 -10.85 -1.89 -0.97
CA HIS A 334 -10.97 -3.34 -1.17
C HIS A 334 -11.82 -4.03 -0.14
N ARG A 335 -12.38 -5.19 -0.48
CA ARG A 335 -13.16 -5.89 0.51
C ARG A 335 -12.64 -7.30 0.77
N ASP A 336 -11.76 -7.81 -0.11
CA ASP A 336 -11.15 -9.13 0.17
C ASP A 336 -10.20 -9.09 1.34
N SER A 337 -10.21 -10.18 2.14
CA SER A 337 -9.31 -10.21 3.31
C SER A 337 -8.54 -11.52 3.29
N TRP A 338 -7.56 -11.68 4.19
CA TRP A 338 -6.93 -13.01 4.32
C TRP A 338 -7.77 -13.97 5.14
N VAL A 339 -8.31 -13.49 6.28
CA VAL A 339 -9.24 -14.31 7.09
C VAL A 339 -10.50 -13.45 7.32
N PHE A 340 -10.75 -12.97 8.55
CA PHE A 340 -11.95 -12.11 8.73
C PHE A 340 -11.62 -10.66 8.39
N GLY A 341 -10.34 -10.30 8.46
CA GLY A 341 -9.91 -8.93 8.04
C GLY A 341 -10.65 -7.81 8.75
N ALA A 342 -10.85 -7.91 10.07
CA ALA A 342 -11.67 -6.88 10.70
C ALA A 342 -11.04 -5.50 10.66
N ILE A 343 -9.72 -5.41 10.66
CA ILE A 343 -9.09 -4.10 10.41
C ILE A 343 -8.89 -4.01 8.89
N ASP A 344 -8.11 -4.92 8.33
CA ASP A 344 -7.74 -4.87 6.91
C ASP A 344 -8.52 -5.88 6.09
N PRO A 345 -9.48 -5.43 5.23
CA PRO A 345 -9.88 -4.06 4.96
C PRO A 345 -11.22 -3.73 5.56
N THR A 346 -11.78 -4.65 6.37
CA THR A 346 -13.21 -4.56 6.58
C THR A 346 -13.62 -3.30 7.36
N SER A 347 -12.71 -2.77 8.19
CA SER A 347 -13.01 -1.47 8.81
C SER A 347 -13.24 -0.39 7.73
N GLY A 348 -12.47 -0.43 6.64
CA GLY A 348 -12.67 0.44 5.46
C GLY A 348 -13.91 0.09 4.67
N VAL A 349 -14.28 -1.20 4.61
CA VAL A 349 -15.52 -1.60 3.92
C VAL A 349 -16.72 -0.99 4.64
N ALA A 350 -16.68 -1.05 5.99
CA ALA A 350 -17.79 -0.49 6.80
C ALA A 350 -17.85 1.04 6.63
N VAL A 351 -16.69 1.67 6.63
CA VAL A 351 -16.64 3.12 6.37
C VAL A 351 -17.25 3.46 4.99
N LEU A 352 -16.88 2.72 3.96
CA LEU A 352 -17.36 3.03 2.63
C LEU A 352 -18.88 2.90 2.60
N GLN A 353 -19.42 1.85 3.24
CA GLN A 353 -20.90 1.73 3.25
C GLN A 353 -21.56 2.91 3.96
N GLU A 354 -20.98 3.37 5.06
CA GLU A 354 -21.59 4.48 5.79
C GLU A 354 -21.50 5.79 5.00
N ILE A 355 -20.37 5.96 4.28
CA ILE A 355 -20.28 7.13 3.37
C ILE A 355 -21.33 7.07 2.26
N ALA A 356 -21.45 5.90 1.63
CA ALA A 356 -22.45 5.77 0.57
C ALA A 356 -23.83 6.01 1.16
N ARG A 357 -24.08 5.50 2.38
CA ARG A 357 -25.43 5.69 2.93
C ARG A 357 -25.70 7.16 3.13
N SER A 358 -24.69 7.90 3.59
CA SER A 358 -24.90 9.32 3.86
C SER A 358 -25.11 10.12 2.55
N PHE A 359 -24.36 9.79 1.50
CA PHE A 359 -24.61 10.42 0.19
C PHE A 359 -26.05 10.09 -0.25
N GLY A 360 -26.46 8.85 -0.07
CA GLY A 360 -27.88 8.46 -0.37
C GLY A 360 -28.84 9.32 0.42
N LYS A 361 -28.54 9.65 1.67
CA LYS A 361 -29.47 10.49 2.46
C LYS A 361 -29.57 11.89 1.87
N LEU A 362 -28.44 12.44 1.41
CA LEU A 362 -28.49 13.72 0.73
C LEU A 362 -29.37 13.63 -0.51
N MET A 363 -29.22 12.58 -1.30
CA MET A 363 -30.01 12.38 -2.52
C MET A 363 -31.51 12.36 -2.21
N SER A 364 -31.85 11.78 -1.06
CA SER A 364 -33.28 11.59 -0.68
C SER A 364 -33.94 12.93 -0.51
N LYS A 365 -33.16 13.97 -0.24
CA LYS A 365 -33.70 15.35 -0.06
C LYS A 365 -33.46 16.23 -1.29
N GLY A 366 -33.08 15.61 -2.42
CA GLY A 366 -33.06 16.27 -3.72
C GLY A 366 -31.68 16.73 -4.18
N TRP A 367 -30.66 16.48 -3.38
CA TRP A 367 -29.30 16.85 -3.79
C TRP A 367 -28.75 15.92 -4.88
N ARG A 368 -27.97 16.52 -5.76
CA ARG A 368 -27.15 15.75 -6.71
C ARG A 368 -25.81 16.44 -6.84
N PRO A 369 -24.74 15.67 -6.96
CA PRO A 369 -23.41 16.32 -6.99
C PRO A 369 -23.18 17.01 -8.35
N ARG A 370 -22.24 17.94 -8.41
CA ARG A 370 -21.89 18.61 -9.67
C ARG A 370 -21.26 17.61 -10.64
N ARG A 371 -20.23 16.92 -10.17
CA ARG A 371 -19.53 15.89 -10.97
C ARG A 371 -20.03 14.50 -10.53
N THR A 372 -19.51 13.44 -11.19
CA THR A 372 -19.98 12.10 -10.89
C THR A 372 -19.11 11.44 -9.82
N ILE A 373 -19.76 10.81 -8.84
CA ILE A 373 -19.03 9.97 -7.88
C ILE A 373 -19.06 8.54 -8.41
N ILE A 374 -17.88 7.90 -8.39
CA ILE A 374 -17.81 6.44 -8.69
C ILE A 374 -17.42 5.77 -7.37
N PHE A 375 -18.25 4.83 -6.91
CA PHE A 375 -17.95 4.06 -5.69
C PHE A 375 -17.44 2.75 -6.14
N ALA A 376 -16.41 2.25 -5.49
CA ALA A 376 -15.89 0.94 -5.94
C ALA A 376 -15.49 0.08 -4.74
N SER A 377 -15.96 -1.17 -4.74
CA SER A 377 -15.52 -2.19 -3.73
C SER A 377 -14.63 -3.15 -4.50
N TRP A 378 -13.33 -3.10 -4.26
CA TRP A 378 -12.43 -3.87 -5.08
C TRP A 378 -12.20 -5.29 -4.55
N ASP A 379 -11.88 -6.20 -5.45
CA ASP A 379 -11.56 -7.57 -5.07
C ASP A 379 -10.04 -7.81 -5.27
N ALA A 380 -9.56 -8.86 -4.59
CA ALA A 380 -8.20 -9.40 -4.79
C ALA A 380 -7.10 -8.32 -4.61
N GLU A 381 -7.34 -7.34 -3.70
CA GLU A 381 -6.21 -6.43 -3.38
C GLU A 381 -5.09 -7.24 -2.74
N GLU A 382 -5.46 -8.24 -1.95
CA GLU A 382 -4.40 -8.97 -1.19
C GLU A 382 -3.52 -9.79 -2.10
N PHE A 383 -3.91 -9.97 -3.37
CA PHE A 383 -3.16 -10.77 -4.33
C PHE A 383 -2.38 -9.88 -5.33
N GLY A 384 -2.32 -8.59 -5.03
CA GLY A 384 -1.53 -7.68 -5.87
C GLY A 384 -2.31 -6.48 -6.42
N LEU A 385 -3.28 -5.99 -5.66
CA LEU A 385 -4.06 -4.84 -6.13
C LEU A 385 -4.80 -5.22 -7.42
N LEU A 386 -5.21 -6.48 -7.51
CA LEU A 386 -5.65 -6.97 -8.81
C LEU A 386 -6.98 -6.41 -9.32
N GLY A 387 -8.00 -6.36 -8.45
CA GLY A 387 -9.32 -5.91 -8.93
C GLY A 387 -9.24 -4.42 -9.30
N SER A 388 -8.59 -3.61 -8.45
CA SER A 388 -8.55 -2.17 -8.76
C SER A 388 -7.72 -1.91 -9.99
N THR A 389 -6.64 -2.66 -10.15
CA THR A 389 -5.76 -2.43 -11.32
C THR A 389 -6.40 -2.89 -12.62
N GLU A 390 -7.06 -4.07 -12.62
CA GLU A 390 -7.69 -4.54 -13.87
C GLU A 390 -8.80 -3.54 -14.26
N TRP A 391 -9.56 -2.98 -13.29
CA TRP A 391 -10.62 -2.02 -13.69
C TRP A 391 -9.98 -0.71 -14.20
N ALA A 392 -8.83 -0.30 -13.64
CA ALA A 392 -8.12 0.88 -14.22
C ALA A 392 -7.63 0.55 -15.63
N GLU A 393 -7.14 -0.67 -15.86
CA GLU A 393 -6.71 -1.06 -17.20
C GLU A 393 -7.90 -1.08 -18.15
N GLU A 394 -9.10 -1.50 -17.70
CA GLU A 394 -10.25 -1.56 -18.61
C GLU A 394 -10.71 -0.18 -19.00
N ASN A 395 -10.71 0.70 -18.01
CA ASN A 395 -11.36 2.00 -18.15
C ASN A 395 -10.39 3.15 -18.33
N VAL A 396 -9.11 2.85 -18.57
CA VAL A 396 -8.06 3.86 -18.62
C VAL A 396 -8.44 5.05 -19.51
N LYS A 397 -9.05 4.82 -20.67
CA LYS A 397 -9.26 5.99 -21.58
C LYS A 397 -10.22 6.99 -20.99
N ILE A 398 -11.30 6.52 -20.33
CA ILE A 398 -12.14 7.51 -19.70
C ILE A 398 -11.57 8.00 -18.41
N LEU A 399 -10.90 7.13 -17.63
CA LEU A 399 -10.41 7.58 -16.33
C LEU A 399 -9.30 8.64 -16.52
N GLN A 400 -8.37 8.45 -17.47
CA GLN A 400 -7.26 9.42 -17.58
C GLN A 400 -7.73 10.75 -18.11
N GLU A 401 -8.85 10.78 -18.83
CA GLU A 401 -9.25 12.08 -19.40
C GLU A 401 -10.28 12.80 -18.52
N ARG A 402 -10.81 12.13 -17.46
CA ARG A 402 -12.00 12.66 -16.78
C ARG A 402 -11.90 12.65 -15.28
N SER A 403 -10.89 11.96 -14.73
CA SER A 403 -10.89 11.82 -13.27
C SER A 403 -10.26 12.99 -12.55
N ILE A 404 -11.00 13.48 -11.55
CA ILE A 404 -10.46 14.51 -10.68
C ILE A 404 -9.51 13.93 -9.62
N ALA A 405 -9.95 12.87 -8.97
CA ALA A 405 -9.18 12.33 -7.83
C ALA A 405 -9.68 10.94 -7.47
N TYR A 406 -8.83 10.24 -6.72
CA TYR A 406 -9.12 8.92 -6.15
C TYR A 406 -8.89 9.02 -4.67
N ILE A 407 -9.94 8.68 -3.92
CA ILE A 407 -9.84 8.61 -2.43
C ILE A 407 -9.98 7.13 -2.01
N ASN A 408 -8.98 6.59 -1.29
CA ASN A 408 -9.04 5.17 -0.96
C ASN A 408 -9.94 4.96 0.24
N SER A 409 -10.34 3.70 0.43
CA SER A 409 -11.11 3.33 1.64
C SER A 409 -10.73 1.93 2.12
N ASP A 410 -9.42 1.73 2.34
CA ASP A 410 -8.90 0.50 2.96
C ASP A 410 -9.01 0.71 4.49
N SER A 411 -8.24 -0.08 5.23
CA SER A 411 -8.39 -0.07 6.72
C SER A 411 -8.49 1.35 7.26
N SER A 412 -9.40 1.54 8.23
CA SER A 412 -9.56 2.86 8.84
C SER A 412 -8.85 2.97 10.20
N ILE A 413 -8.48 1.84 10.81
CA ILE A 413 -8.17 1.80 12.27
C ILE A 413 -6.99 0.86 12.47
N GLU A 414 -5.84 1.22 11.93
N GLU A 414 -5.83 1.20 11.91
CA GLU A 414 -4.60 0.44 12.14
CA GLU A 414 -4.63 0.39 12.15
C GLU A 414 -3.94 0.66 13.50
C GLU A 414 -4.03 0.57 13.55
N GLY A 415 -4.43 1.65 14.23
CA GLY A 415 -3.96 1.97 15.59
C GLY A 415 -4.91 3.03 16.14
N ASN A 416 -4.67 3.52 17.35
CA ASN A 416 -5.60 4.47 17.92
C ASN A 416 -4.96 5.77 18.42
N TYR A 417 -3.79 6.10 17.85
CA TYR A 417 -3.03 7.26 18.29
C TYR A 417 -3.43 8.52 17.53
N THR A 418 -3.28 8.51 16.21
CA THR A 418 -3.64 9.70 15.47
C THR A 418 -3.86 9.36 14.00
N LEU A 419 -4.17 10.40 13.24
CA LEU A 419 -4.36 10.23 11.79
C LEU A 419 -3.03 10.05 11.05
N ARG A 420 -3.02 9.28 9.93
CA ARG A 420 -1.89 9.28 9.02
C ARG A 420 -2.47 9.56 7.65
N VAL A 421 -1.93 10.56 6.95
CA VAL A 421 -2.45 10.88 5.60
C VAL A 421 -1.30 10.80 4.63
N ASP A 422 -1.55 10.16 3.49
CA ASP A 422 -0.59 10.09 2.38
C ASP A 422 -1.34 10.65 1.17
N CYS A 423 -0.81 11.71 0.53
CA CYS A 423 -1.54 12.24 -0.65
C CYS A 423 -0.63 13.11 -1.47
N THR A 424 -1.08 13.34 -2.70
CA THR A 424 -0.35 14.29 -3.56
C THR A 424 -0.39 15.70 -2.98
N PRO A 425 0.65 16.51 -3.24
CA PRO A 425 0.62 17.90 -2.78
C PRO A 425 -0.61 18.67 -3.24
N LEU A 426 -1.20 18.28 -4.37
CA LEU A 426 -2.44 18.97 -4.79
C LEU A 426 -3.52 19.01 -3.73
N LEU A 427 -3.51 17.96 -2.87
CA LEU A 427 -4.60 17.77 -1.90
C LEU A 427 -4.26 18.28 -0.49
N TYR A 428 -3.03 18.77 -0.25
CA TYR A 428 -2.70 19.14 1.14
C TYR A 428 -3.68 20.15 1.71
N GLN A 429 -3.97 21.18 0.94
CA GLN A 429 -4.78 22.28 1.47
C GLN A 429 -6.18 21.81 1.84
N LEU A 430 -6.76 20.98 0.98
CA LEU A 430 -8.11 20.48 1.27
C LEU A 430 -8.09 19.57 2.50
N VAL A 431 -7.07 18.72 2.58
CA VAL A 431 -7.00 17.83 3.77
C VAL A 431 -6.94 18.67 5.06
N TYR A 432 -6.08 19.69 5.07
CA TYR A 432 -5.97 20.49 6.32
C TYR A 432 -7.28 21.20 6.59
N LYS A 433 -7.91 21.77 5.55
CA LYS A 433 -9.17 22.47 5.71
C LYS A 433 -10.23 21.56 6.32
N LEU A 434 -10.34 20.33 5.79
CA LEU A 434 -11.45 19.49 6.24
C LEU A 434 -11.21 18.97 7.65
N THR A 435 -9.96 18.68 7.99
CA THR A 435 -9.67 18.12 9.34
C THR A 435 -9.95 19.18 10.41
N LYS A 436 -9.89 20.45 10.03
CA LYS A 436 -10.21 21.54 10.99
C LYS A 436 -11.71 21.55 11.34
N GLU A 437 -12.54 20.95 10.52
CA GLU A 437 -13.99 21.01 10.70
C GLU A 437 -14.59 19.68 11.14
N ILE A 438 -13.72 18.72 11.48
CA ILE A 438 -14.21 17.44 11.98
C ILE A 438 -13.77 17.34 13.44
N PRO A 439 -14.72 17.00 14.33
CA PRO A 439 -14.29 16.94 15.73
C PRO A 439 -13.26 15.86 15.97
N SER A 440 -12.25 16.12 16.80
CA SER A 440 -11.29 15.09 17.17
C SER A 440 -11.95 14.00 17.99
N PRO A 441 -11.68 12.74 17.67
CA PRO A 441 -12.22 11.67 18.46
C PRO A 441 -11.34 11.32 19.68
N ASP A 442 -10.22 12.03 19.85
CA ASP A 442 -9.17 11.55 20.78
C ASP A 442 -9.48 11.96 22.21
N ASP A 443 -9.19 11.06 23.14
CA ASP A 443 -9.38 11.42 24.56
C ASP A 443 -8.56 12.65 24.87
N GLY A 444 -9.16 13.60 25.55
CA GLY A 444 -8.45 14.82 25.92
C GLY A 444 -8.62 15.95 24.93
N PHE A 445 -9.22 15.65 23.77
CA PHE A 445 -9.39 16.66 22.74
C PHE A 445 -10.86 16.93 22.46
N GLU A 446 -11.66 16.83 23.51
CA GLU A 446 -13.11 16.81 23.33
C GLU A 446 -13.71 18.08 22.74
N SER A 447 -13.01 19.20 22.85
CA SER A 447 -13.49 20.45 22.31
C SER A 447 -12.63 20.94 21.14
N LYS A 448 -11.86 20.03 20.53
CA LYS A 448 -10.91 20.43 19.52
C LYS A 448 -11.13 19.65 18.23
N SER A 449 -10.49 20.13 17.17
CA SER A 449 -10.62 19.48 15.87
C SER A 449 -9.63 18.35 15.69
N LEU A 450 -9.96 17.50 14.70
CA LEU A 450 -9.04 16.46 14.29
C LEU A 450 -7.69 17.04 13.85
N TYR A 451 -7.73 18.22 13.18
CA TYR A 451 -6.49 18.84 12.73
C TYR A 451 -5.60 19.17 13.93
N GLU A 452 -6.22 19.69 14.97
CA GLU A 452 -5.48 20.03 16.20
C GLU A 452 -4.82 18.81 16.89
N SER A 453 -5.55 17.69 17.02
CA SER A 453 -4.91 16.51 17.62
C SER A 453 -3.82 15.93 16.73
N TRP A 454 -4.09 15.87 15.42
CA TRP A 454 -3.13 15.36 14.46
C TRP A 454 -1.84 16.21 14.45
N LEU A 455 -2.02 17.52 14.49
CA LEU A 455 -0.88 18.44 14.54
C LEU A 455 -0.03 18.20 15.81
N GLU A 456 -0.69 18.07 16.94
CA GLU A 456 0.04 17.80 18.20
C GLU A 456 0.80 16.48 18.13
N LYS A 457 0.17 15.45 17.55
CA LYS A 457 0.74 14.12 17.62
C LYS A 457 1.71 13.73 16.50
N ASP A 458 1.62 14.40 15.35
CA ASP A 458 2.48 14.07 14.23
C ASP A 458 2.79 15.30 13.39
N PRO A 459 3.57 16.24 13.95
CA PRO A 459 3.94 17.44 13.18
C PRO A 459 4.87 17.13 12.02
N SER A 460 4.76 17.91 10.94
CA SER A 460 5.58 17.72 9.75
C SER A 460 7.04 18.08 10.03
N PRO A 461 7.96 17.22 9.59
CA PRO A 461 9.36 17.65 9.73
C PRO A 461 9.68 18.94 8.95
N GLU A 462 9.05 19.19 7.80
CA GLU A 462 9.38 20.40 7.04
C GLU A 462 8.68 21.69 7.49
N ASN A 463 7.71 21.54 8.38
CA ASN A 463 7.01 22.70 8.91
C ASN A 463 6.31 22.28 10.20
N LYS A 464 6.85 22.73 11.34
CA LYS A 464 6.34 22.35 12.65
C LYS A 464 4.91 22.77 12.93
N ASN A 465 4.38 23.70 12.16
N ASN A 465 4.39 23.73 12.18
CA ASN A 465 3.02 24.14 12.41
CA ASN A 465 3.02 24.17 12.40
C ASN A 465 2.03 23.53 11.42
C ASN A 465 2.00 23.41 11.57
N LEU A 466 2.44 22.48 10.73
CA LEU A 466 1.51 21.66 9.92
C LEU A 466 1.63 20.18 10.27
N PRO A 467 0.51 19.43 10.20
CA PRO A 467 0.63 17.97 10.40
C PRO A 467 1.38 17.32 9.26
N ARG A 468 2.03 16.20 9.58
CA ARG A 468 2.77 15.43 8.59
C ARG A 468 1.83 14.81 7.53
N ILE A 469 2.22 14.95 6.25
CA ILE A 469 1.57 14.21 5.14
C ILE A 469 2.65 13.54 4.34
N ASN A 470 2.51 12.24 4.13
CA ASN A 470 3.54 11.44 3.47
C ASN A 470 3.37 11.33 1.98
N LYS A 471 4.46 10.98 1.33
CA LYS A 471 4.44 10.79 -0.13
C LYS A 471 3.74 9.47 -0.50
N LEU A 472 3.11 9.43 -1.67
CA LEU A 472 2.50 8.17 -2.10
C LEU A 472 3.50 7.24 -2.79
N GLY A 473 3.54 6.00 -2.25
CA GLY A 473 4.24 4.91 -2.94
C GLY A 473 3.15 3.95 -3.32
N SER A 474 3.16 2.77 -2.71
CA SER A 474 2.10 1.78 -2.93
C SER A 474 1.60 1.25 -1.58
N GLY A 475 1.04 0.02 -1.59
CA GLY A 475 0.50 -0.54 -0.35
C GLY A 475 -0.99 -0.80 -0.41
N SER A 476 -1.68 -0.17 -1.37
CA SER A 476 -3.13 -0.38 -1.50
C SER A 476 -3.59 0.13 -2.86
N ASP A 477 -4.92 0.09 -3.08
CA ASP A 477 -5.48 0.16 -4.43
C ASP A 477 -5.34 1.50 -5.14
N PHE A 478 -4.91 2.55 -4.43
CA PHE A 478 -4.69 3.82 -5.16
C PHE A 478 -3.51 3.67 -6.13
N GLU A 479 -2.67 2.62 -6.02
CA GLU A 479 -1.36 2.64 -6.74
C GLU A 479 -1.55 2.88 -8.24
N ALA A 480 -2.39 2.10 -8.95
CA ALA A 480 -2.40 2.27 -10.42
C ALA A 480 -2.96 3.64 -10.77
N TYR A 481 -3.95 4.11 -10.01
CA TYR A 481 -4.61 5.42 -10.27
C TYR A 481 -3.57 6.53 -10.22
N PHE A 482 -2.68 6.49 -9.21
CA PHE A 482 -1.73 7.62 -9.06
C PHE A 482 -0.45 7.34 -9.89
N GLN A 483 0.16 6.15 -9.67
CA GLN A 483 1.50 5.91 -10.22
C GLN A 483 1.47 5.57 -11.72
N ARG A 484 0.32 5.03 -12.23
CA ARG A 484 0.26 4.72 -13.65
C ARG A 484 -0.52 5.81 -14.40
N LEU A 485 -1.67 6.20 -13.83
CA LEU A 485 -2.55 7.12 -14.56
C LEU A 485 -2.41 8.59 -14.17
N GLY A 486 -1.74 8.90 -13.07
CA GLY A 486 -1.61 10.31 -12.69
C GLY A 486 -2.87 10.97 -12.23
N ILE A 487 -3.72 10.21 -11.51
CA ILE A 487 -4.91 10.79 -10.93
C ILE A 487 -4.62 11.13 -9.48
N ALA A 488 -4.80 12.41 -9.11
CA ALA A 488 -4.54 12.82 -7.75
C ALA A 488 -5.17 11.88 -6.76
N SER A 489 -4.40 11.37 -5.79
CA SER A 489 -4.94 10.37 -4.85
C SER A 489 -4.63 10.73 -3.42
N GLY A 490 -5.45 10.17 -2.52
CA GLY A 490 -5.25 10.40 -1.07
C GLY A 490 -5.69 9.18 -0.29
N ARG A 491 -5.06 8.98 0.86
CA ARG A 491 -5.35 7.88 1.80
C ARG A 491 -5.32 8.52 3.18
N ALA A 492 -6.29 8.20 4.03
CA ALA A 492 -6.30 8.67 5.41
C ALA A 492 -6.82 7.55 6.32
N ARG A 493 -6.17 7.37 7.46
CA ARG A 493 -6.63 6.35 8.43
C ARG A 493 -6.00 6.61 9.77
N TYR A 494 -6.54 6.01 10.81
CA TYR A 494 -5.91 6.08 12.16
C TYR A 494 -4.77 5.10 12.23
N THR A 495 -3.71 5.47 12.98
CA THR A 495 -2.52 4.63 13.11
C THR A 495 -1.95 4.77 14.53
N LYS A 496 -0.90 3.98 14.71
CA LYS A 496 -0.08 3.98 15.97
C LYS A 496 0.81 5.22 16.11
N ASN A 497 1.49 5.35 17.25
CA ASN A 497 2.35 6.51 17.56
C ASN A 497 3.74 6.33 16.96
N ASP A 501 5.94 3.71 19.29
CA ASP A 501 5.61 2.31 18.97
C ASP A 501 6.53 1.73 17.90
N LYS A 502 7.28 0.69 18.29
CA LYS A 502 8.38 0.18 17.46
C LYS A 502 7.98 -1.00 16.59
N TYR A 503 6.79 -1.53 16.84
CA TYR A 503 6.28 -2.65 16.05
C TYR A 503 5.90 -2.21 14.65
N SER A 504 5.97 -3.13 13.68
CA SER A 504 5.59 -2.82 12.30
C SER A 504 4.07 -3.08 12.09
N SER A 505 3.43 -2.45 11.11
CA SER A 505 1.96 -2.62 10.95
C SER A 505 1.29 -2.61 12.36
N TYR A 506 0.50 -3.64 12.68
CA TYR A 506 -0.09 -3.83 14.00
C TYR A 506 0.10 -5.34 14.25
N PRO A 507 0.13 -5.77 15.52
CA PRO A 507 0.56 -7.12 15.81
C PRO A 507 -0.18 -8.23 15.07
N VAL A 508 -1.51 -8.15 14.96
CA VAL A 508 -2.24 -9.29 14.37
C VAL A 508 -2.50 -9.16 12.87
N TYR A 509 -1.80 -8.21 12.27
CA TYR A 509 -1.95 -7.98 10.82
C TYR A 509 -1.84 -9.26 10.01
N HIS A 510 -2.86 -9.47 9.19
CA HIS A 510 -2.88 -10.60 8.22
C HIS A 510 -2.87 -11.98 8.88
N THR A 511 -3.38 -12.01 10.13
CA THR A 511 -3.62 -13.28 10.82
C THR A 511 -5.11 -13.59 11.03
N ILE A 512 -5.36 -14.77 11.60
CA ILE A 512 -6.72 -15.13 11.95
C ILE A 512 -7.30 -14.23 13.04
N TYR A 513 -6.44 -13.45 13.74
CA TYR A 513 -6.90 -12.72 14.94
C TYR A 513 -7.42 -11.32 14.64
N GLU A 514 -7.51 -10.96 13.35
CA GLU A 514 -8.17 -9.68 13.00
C GLU A 514 -9.67 -9.90 13.04
N THR A 515 -10.24 -9.79 14.25
CA THR A 515 -11.67 -10.06 14.44
C THR A 515 -12.41 -8.79 14.86
N PHE A 516 -13.73 -8.80 14.70
CA PHE A 516 -14.54 -7.70 15.17
C PHE A 516 -14.25 -7.44 16.66
N GLU A 517 -14.09 -8.52 17.44
CA GLU A 517 -13.86 -8.38 18.87
C GLU A 517 -12.53 -7.65 19.15
N LEU A 518 -11.50 -7.92 18.34
CA LEU A 518 -10.25 -7.18 18.50
C LEU A 518 -10.50 -5.67 18.34
N VAL A 519 -11.26 -5.30 17.32
CA VAL A 519 -11.42 -3.85 17.03
C VAL A 519 -12.26 -3.23 18.14
N GLU A 520 -13.37 -3.88 18.49
CA GLU A 520 -14.27 -3.28 19.48
C GLU A 520 -13.62 -3.20 20.85
N LYS A 521 -12.85 -4.21 21.22
CA LYS A 521 -12.36 -4.25 22.62
C LYS A 521 -11.09 -3.41 22.77
N PHE A 522 -10.21 -3.45 21.76
CA PHE A 522 -8.84 -2.94 21.94
C PHE A 522 -8.51 -1.71 21.15
N TYR A 523 -9.16 -1.53 19.99
CA TYR A 523 -8.77 -0.45 19.06
C TYR A 523 -9.66 0.77 19.18
N ASP A 524 -10.99 0.60 19.23
CA ASP A 524 -11.85 1.77 19.14
C ASP A 524 -13.26 1.43 19.64
N PRO A 525 -13.41 1.20 20.95
CA PRO A 525 -14.66 0.68 21.46
C PRO A 525 -15.86 1.58 21.14
N THR A 526 -15.67 2.90 21.09
CA THR A 526 -16.77 3.82 20.82
C THR A 526 -17.03 4.01 19.32
N PHE A 527 -16.14 3.45 18.49
CA PHE A 527 -16.18 3.67 17.04
C PHE A 527 -16.03 5.13 16.60
N LYS A 528 -15.65 6.00 17.55
CA LYS A 528 -15.49 7.42 17.21
C LYS A 528 -14.29 7.67 16.30
N LYS A 529 -13.22 6.91 16.48
CA LYS A 529 -12.04 7.12 15.62
C LYS A 529 -12.34 6.68 14.19
N GLN A 530 -12.95 5.52 14.05
CA GLN A 530 -13.42 5.09 12.70
C GLN A 530 -14.42 6.07 12.12
N LEU A 531 -15.33 6.60 12.96
CA LEU A 531 -16.24 7.65 12.43
C LEU A 531 -15.49 8.86 11.89
N SER A 532 -14.45 9.31 12.60
CA SER A 532 -13.73 10.51 12.12
C SER A 532 -13.10 10.26 10.72
N VAL A 533 -12.62 9.03 10.53
CA VAL A 533 -12.02 8.64 9.22
C VAL A 533 -13.09 8.60 8.14
N ALA A 534 -14.28 8.05 8.46
CA ALA A 534 -15.37 8.12 7.50
C ALA A 534 -15.73 9.55 7.14
N GLN A 535 -15.80 10.41 8.15
CA GLN A 535 -16.15 11.81 7.86
C GLN A 535 -15.12 12.47 6.99
N LEU A 536 -13.84 12.19 7.23
CA LEU A 536 -12.81 12.82 6.38
C LEU A 536 -12.83 12.26 4.95
N ARG A 537 -12.92 10.94 4.83
CA ARG A 537 -12.95 10.39 3.45
C ARG A 537 -14.15 10.91 2.70
N GLY A 538 -15.30 10.89 3.36
CA GLY A 538 -16.53 11.34 2.69
C GLY A 538 -16.47 12.82 2.35
N ALA A 539 -15.98 13.64 3.29
CA ALA A 539 -15.89 15.10 3.02
C ALA A 539 -14.91 15.40 1.87
N LEU A 540 -13.83 14.61 1.77
CA LEU A 540 -12.89 14.80 0.66
C LEU A 540 -13.61 14.55 -0.65
N VAL A 541 -14.32 13.43 -0.73
CA VAL A 541 -15.05 13.10 -1.98
C VAL A 541 -16.04 14.24 -2.25
N TYR A 542 -16.79 14.69 -1.23
CA TYR A 542 -17.81 15.71 -1.45
C TYR A 542 -17.19 16.99 -2.02
N GLU A 543 -16.11 17.46 -1.40
CA GLU A 543 -15.56 18.76 -1.88
C GLU A 543 -14.98 18.64 -3.26
N LEU A 544 -14.39 17.49 -3.58
CA LEU A 544 -13.78 17.30 -4.91
C LEU A 544 -14.87 17.18 -5.98
N VAL A 545 -16.01 16.57 -5.62
CA VAL A 545 -17.04 16.32 -6.61
C VAL A 545 -18.00 17.45 -6.76
N ASP A 546 -18.13 18.35 -5.76
CA ASP A 546 -19.23 19.32 -5.79
C ASP A 546 -18.75 20.75 -5.94
N SER A 547 -17.48 20.99 -5.62
CA SER A 547 -16.99 22.42 -5.68
C SER A 547 -16.93 22.89 -7.14
N LYS A 548 -17.41 24.10 -7.39
CA LYS A 548 -17.34 24.62 -8.76
C LYS A 548 -15.90 24.60 -9.27
N ILE A 549 -14.97 25.15 -8.49
CA ILE A 549 -13.53 25.11 -8.82
C ILE A 549 -12.87 23.95 -8.06
N ILE A 550 -12.22 23.05 -8.80
CA ILE A 550 -11.61 21.92 -8.13
C ILE A 550 -10.62 22.39 -7.04
N PRO A 551 -10.74 21.85 -5.81
CA PRO A 551 -9.98 22.41 -4.66
C PRO A 551 -8.58 21.81 -4.55
N PHE A 552 -7.78 22.00 -5.60
CA PHE A 552 -6.32 21.73 -5.52
C PHE A 552 -5.54 23.02 -5.37
N ASN A 553 -4.33 22.91 -4.79
CA ASN A 553 -3.45 24.07 -4.82
C ASN A 553 -2.15 23.69 -5.43
N ILE A 554 -1.83 24.35 -6.53
CA ILE A 554 -0.61 23.96 -7.28
C ILE A 554 0.64 24.61 -6.70
N GLN A 555 0.47 25.76 -5.98
CA GLN A 555 1.66 26.30 -5.30
C GLN A 555 2.21 25.32 -4.26
N ASP A 556 1.33 24.55 -3.61
CA ASP A 556 1.84 23.52 -2.65
C ASP A 556 2.67 22.48 -3.42
N TYR A 557 2.30 22.17 -4.66
CA TYR A 557 3.12 21.28 -5.48
C TYR A 557 4.46 21.93 -5.78
N ALA A 558 4.46 23.22 -6.11
CA ALA A 558 5.75 23.92 -6.35
C ALA A 558 6.68 23.81 -5.17
N GLU A 559 6.15 24.05 -3.97
CA GLU A 559 6.98 23.97 -2.76
C GLU A 559 7.51 22.56 -2.54
N ALA A 560 6.65 21.56 -2.79
CA ALA A 560 7.07 20.17 -2.68
C ALA A 560 8.23 19.88 -3.64
N LEU A 561 8.13 20.33 -4.89
CA LEU A 561 9.23 20.08 -5.85
C LEU A 561 10.53 20.72 -5.39
N LYS A 562 10.45 21.90 -4.77
CA LYS A 562 11.69 22.54 -4.28
C LYS A 562 12.33 21.67 -3.21
N ASN A 563 11.49 21.09 -2.34
CA ASN A 563 12.01 20.22 -1.29
C ASN A 563 12.64 18.98 -1.91
N TYR A 564 11.95 18.35 -2.87
CA TYR A 564 12.47 17.11 -3.45
C TYR A 564 13.77 17.37 -4.22
N ALA A 565 13.84 18.52 -4.88
CA ALA A 565 15.06 18.86 -5.65
C ALA A 565 16.23 19.05 -4.69
N ALA A 566 15.98 19.76 -3.58
CA ALA A 566 17.05 19.87 -2.57
C ALA A 566 17.47 18.52 -2.03
N SER A 567 16.51 17.64 -1.80
CA SER A 567 16.84 16.33 -1.22
C SER A 567 17.69 15.48 -2.15
N ILE A 568 17.31 15.39 -3.42
CA ILE A 568 18.11 14.56 -4.33
C ILE A 568 19.48 15.19 -4.57
N TYR A 569 19.55 16.53 -4.60
CA TYR A 569 20.85 17.17 -4.78
C TYR A 569 21.72 16.89 -3.57
N ASN A 570 21.10 16.91 -2.39
CA ASN A 570 21.91 16.65 -1.16
C ASN A 570 22.44 15.23 -1.19
N LEU A 571 21.65 14.28 -1.69
CA LEU A 571 22.08 12.88 -1.73
C LEU A 571 23.25 12.74 -2.68
N SER A 572 23.38 13.67 -3.62
CA SER A 572 24.45 13.57 -4.60
C SER A 572 25.78 14.15 -4.09
N LYS A 573 25.74 14.88 -2.98
CA LYS A 573 26.94 15.65 -2.54
C LYS A 573 28.12 14.77 -2.21
N LYS A 574 27.87 13.58 -1.69
CA LYS A 574 28.97 12.68 -1.35
C LYS A 574 29.74 12.21 -2.58
N HIS A 575 29.14 12.41 -3.76
CA HIS A 575 29.77 12.06 -5.04
C HIS A 575 30.24 13.30 -5.81
N ASP A 576 30.38 14.43 -5.13
CA ASP A 576 30.74 15.68 -5.80
C ASP A 576 31.88 15.55 -6.83
N GLN A 577 32.97 14.87 -6.47
CA GLN A 577 34.07 14.74 -7.44
C GLN A 577 33.61 14.01 -8.72
N GLN A 578 32.82 12.94 -8.54
CA GLN A 578 32.32 12.18 -9.69
C GLN A 578 31.35 13.00 -10.55
N LEU A 579 30.52 13.81 -9.91
CA LEU A 579 29.70 14.76 -10.69
C LEU A 579 30.54 15.64 -11.60
N THR A 580 31.65 16.16 -11.06
CA THR A 580 32.53 17.01 -11.84
C THR A 580 33.17 16.24 -12.98
N ASP A 581 33.71 15.08 -12.65
CA ASP A 581 34.50 14.29 -13.62
C ASP A 581 33.61 13.77 -14.75
N HIS A 582 32.36 13.43 -14.43
CA HIS A 582 31.42 12.93 -15.45
C HIS A 582 30.47 13.99 -16.07
N GLY A 583 30.68 15.27 -15.73
CA GLY A 583 29.90 16.37 -16.25
C GLY A 583 28.43 16.22 -15.93
N VAL A 584 28.14 15.88 -14.67
CA VAL A 584 26.73 15.73 -14.22
C VAL A 584 26.33 17.01 -13.48
N SER A 585 25.21 17.58 -13.86
CA SER A 585 24.74 18.82 -13.21
C SER A 585 23.25 18.73 -12.92
N PHE A 586 22.84 19.29 -11.78
CA PHE A 586 21.42 19.40 -11.45
C PHE A 586 20.82 20.72 -11.91
N ASP A 587 21.58 21.54 -12.65
CA ASP A 587 21.12 22.88 -12.98
C ASP A 587 19.78 22.85 -13.70
N SER A 588 19.62 21.89 -14.65
CA SER A 588 18.34 21.95 -15.40
C SER A 588 17.14 21.59 -14.52
N LEU A 589 17.35 20.73 -13.52
CA LEU A 589 16.26 20.33 -12.62
C LEU A 589 15.89 21.58 -11.78
N PHE A 590 16.87 22.28 -11.25
CA PHE A 590 16.54 23.48 -10.43
C PHE A 590 15.90 24.53 -11.30
N SER A 591 16.33 24.66 -12.57
CA SER A 591 15.72 25.64 -13.47
C SER A 591 14.25 25.29 -13.75
N ALA A 592 13.97 24.01 -14.00
CA ALA A 592 12.60 23.58 -14.21
C ALA A 592 11.73 23.88 -12.97
N VAL A 593 12.28 23.59 -11.77
CA VAL A 593 11.53 23.82 -10.53
C VAL A 593 11.24 25.31 -10.40
N LYS A 594 12.21 26.16 -10.70
CA LYS A 594 11.95 27.62 -10.63
C LYS A 594 10.87 28.00 -11.62
N ASN A 595 10.96 27.48 -12.86
CA ASN A 595 9.92 27.79 -13.84
C ASN A 595 8.54 27.29 -13.40
N PHE A 596 8.49 26.11 -12.78
CA PHE A 596 7.21 25.58 -12.30
C PHE A 596 6.62 26.47 -11.19
N SER A 597 7.50 26.93 -10.29
CA SER A 597 7.01 27.80 -9.20
C SER A 597 6.41 29.06 -9.76
N GLU A 598 7.08 29.68 -10.74
CA GLU A 598 6.50 30.88 -11.39
C GLU A 598 5.19 30.60 -12.08
N ALA A 599 5.10 29.47 -12.80
CA ALA A 599 3.86 29.14 -13.49
C ALA A 599 2.71 28.85 -12.52
N ALA A 600 3.03 28.21 -11.41
CA ALA A 600 1.99 27.90 -10.40
C ALA A 600 1.47 29.17 -9.71
N SER A 601 2.38 30.09 -9.43
CA SER A 601 1.99 31.40 -8.88
C SER A 601 1.12 32.12 -9.87
N ASP A 602 1.58 32.25 -11.13
CA ASP A 602 0.75 32.94 -12.11
C ASP A 602 -0.61 32.29 -12.27
N PHE A 603 -0.62 30.95 -12.26
CA PHE A 603 -1.90 30.25 -12.42
C PHE A 603 -2.89 30.60 -11.32
N HIS A 604 -2.43 30.58 -10.08
CA HIS A 604 -3.35 30.93 -9.00
C HIS A 604 -3.73 32.40 -9.04
N LYS A 605 -2.84 33.27 -9.49
CA LYS A 605 -3.21 34.69 -9.65
C LYS A 605 -4.33 34.81 -10.68
N ARG A 606 -4.27 34.00 -11.76
CA ARG A 606 -5.35 34.09 -12.76
C ARG A 606 -6.62 33.41 -12.25
N LEU A 607 -6.43 32.33 -11.49
CA LEU A 607 -7.60 31.53 -11.05
C LEU A 607 -8.54 32.38 -10.21
N ILE A 608 -8.00 33.25 -9.36
CA ILE A 608 -8.91 34.06 -8.53
C ILE A 608 -9.73 35.07 -9.35
N GLN A 609 -9.29 35.32 -10.59
CA GLN A 609 -9.98 36.27 -11.48
C GLN A 609 -11.02 35.61 -12.36
N VAL A 610 -11.09 34.28 -12.35
CA VAL A 610 -11.99 33.63 -13.31
C VAL A 610 -13.43 34.11 -13.11
N ASP A 611 -14.16 34.25 -14.22
CA ASP A 611 -15.59 34.61 -14.15
C ASP A 611 -16.38 33.35 -13.82
N LEU A 612 -16.81 33.24 -12.57
CA LEU A 612 -17.47 32.05 -12.09
C LEU A 612 -18.79 31.81 -12.79
N ASN A 613 -19.29 32.84 -13.48
CA ASN A 613 -20.57 32.73 -14.19
C ASN A 613 -20.37 32.40 -15.66
N ASN A 614 -19.13 32.13 -16.05
CA ASN A 614 -18.84 31.79 -17.45
C ASN A 614 -18.41 30.33 -17.49
N PRO A 615 -19.31 29.45 -17.90
CA PRO A 615 -19.01 28.02 -17.70
C PRO A 615 -17.77 27.52 -18.45
N ILE A 616 -17.53 28.03 -19.65
CA ILE A 616 -16.34 27.57 -20.37
C ILE A 616 -15.08 28.12 -19.71
N ALA A 617 -15.10 29.37 -19.21
CA ALA A 617 -13.91 29.87 -18.49
C ALA A 617 -13.60 28.99 -17.29
N VAL A 618 -14.63 28.62 -16.54
CA VAL A 618 -14.45 27.77 -15.33
C VAL A 618 -13.94 26.38 -15.79
N ARG A 619 -14.54 25.82 -16.85
CA ARG A 619 -14.14 24.46 -17.28
C ARG A 619 -12.68 24.43 -17.78
N MET A 620 -12.26 25.49 -18.48
CA MET A 620 -10.85 25.51 -18.95
C MET A 620 -9.90 25.49 -17.77
N MET A 621 -10.20 26.28 -16.73
N MET A 621 -10.22 26.31 -16.77
CA MET A 621 -9.24 26.27 -15.60
CA MET A 621 -9.45 26.39 -15.51
C MET A 621 -9.37 24.99 -14.79
C MET A 621 -9.41 25.04 -14.84
N ASN A 622 -10.59 24.46 -14.68
CA ASN A 622 -10.72 23.13 -14.02
C ASN A 622 -9.98 22.04 -14.79
N ASP A 623 -9.95 22.14 -16.13
CA ASP A 623 -9.17 21.13 -16.89
C ASP A 623 -7.71 21.28 -16.56
N GLN A 624 -7.23 22.51 -16.38
CA GLN A 624 -5.79 22.64 -16.00
C GLN A 624 -5.52 22.05 -14.61
N LEU A 625 -6.45 22.28 -13.66
CA LEU A 625 -6.24 21.68 -12.35
C LEU A 625 -6.29 20.16 -12.43
N MET A 626 -7.22 19.63 -13.25
CA MET A 626 -7.36 18.15 -13.35
C MET A 626 -6.17 17.50 -14.04
N LEU A 627 -5.65 18.20 -15.07
CA LEU A 627 -4.62 17.57 -15.90
C LEU A 627 -3.20 17.81 -15.40
N LEU A 628 -3.05 18.60 -14.32
CA LEU A 628 -1.68 18.87 -13.84
C LEU A 628 -0.99 17.60 -13.37
N GLU A 629 -1.69 16.78 -12.56
CA GLU A 629 -1.00 15.54 -12.10
C GLU A 629 -0.67 14.66 -13.27
N ARG A 630 -1.52 14.69 -14.32
CA ARG A 630 -1.24 13.83 -15.49
C ARG A 630 0.05 14.23 -16.19
N ALA A 631 0.44 15.50 -16.05
CA ALA A 631 1.62 15.92 -16.81
C ALA A 631 2.88 15.18 -16.37
N PHE A 632 2.86 14.71 -15.11
CA PHE A 632 4.01 13.99 -14.54
C PHE A 632 4.12 12.54 -14.99
N ILE A 633 3.16 12.06 -15.80
CA ILE A 633 3.17 10.64 -16.19
C ILE A 633 3.89 10.51 -17.52
N ASP A 634 4.94 9.69 -17.52
CA ASP A 634 5.72 9.44 -18.76
C ASP A 634 5.33 8.08 -19.32
N PRO A 635 4.79 8.03 -20.57
CA PRO A 635 4.33 6.73 -21.05
C PRO A 635 5.44 5.74 -21.24
N LEU A 636 6.69 6.21 -21.24
CA LEU A 636 7.84 5.27 -21.40
C LEU A 636 8.10 4.55 -20.05
N GLY A 637 7.47 5.02 -18.95
CA GLY A 637 7.73 4.41 -17.65
C GLY A 637 9.08 4.67 -17.08
N LEU A 638 9.32 4.06 -15.91
CA LEU A 638 10.65 4.11 -15.29
C LEU A 638 11.46 2.90 -15.71
N PRO A 639 12.81 2.91 -15.50
CA PRO A 639 13.60 1.82 -15.97
C PRO A 639 13.12 0.48 -15.45
N GLY A 640 12.90 -0.48 -16.34
CA GLY A 640 12.47 -1.81 -15.95
C GLY A 640 11.02 -1.89 -15.46
N LYS A 641 10.29 -0.76 -15.46
CA LYS A 641 8.97 -0.73 -14.80
C LYS A 641 7.99 0.08 -15.68
N LEU A 642 7.40 -0.63 -16.63
CA LEU A 642 6.46 -0.03 -17.58
C LEU A 642 5.23 0.59 -16.92
N PHE A 643 4.92 0.16 -15.68
CA PHE A 643 3.64 0.50 -15.06
C PHE A 643 3.80 1.45 -13.87
N TYR A 644 5.05 1.92 -13.65
CA TYR A 644 5.23 3.07 -12.75
C TYR A 644 5.70 4.21 -13.64
N ARG A 645 4.83 5.20 -13.82
CA ARG A 645 5.04 6.20 -14.87
C ARG A 645 5.20 7.60 -14.29
N HIS A 646 5.03 7.77 -12.97
CA HIS A 646 5.07 9.15 -12.41
C HIS A 646 6.54 9.47 -12.20
N ILE A 647 6.95 10.62 -12.70
CA ILE A 647 8.36 11.06 -12.64
C ILE A 647 8.72 11.69 -11.27
N ILE A 648 7.70 12.19 -10.54
CA ILE A 648 7.99 12.84 -9.27
C ILE A 648 7.97 11.80 -8.14
N PHE A 649 7.07 10.80 -8.21
CA PHE A 649 6.97 9.79 -7.14
C PHE A 649 7.00 8.38 -7.76
N ALA A 650 7.50 7.41 -6.99
CA ALA A 650 7.17 6.02 -7.29
C ALA A 650 7.28 5.23 -6.00
N PRO A 651 6.66 4.07 -5.96
CA PRO A 651 6.95 3.20 -4.83
C PRO A 651 8.46 2.90 -4.82
N SER A 652 9.05 2.87 -3.65
CA SER A 652 10.49 2.61 -3.56
C SER A 652 10.83 1.25 -4.14
N SER A 653 11.99 1.14 -4.82
CA SER A 653 12.37 -0.14 -5.40
C SER A 653 12.84 -1.09 -4.30
N HIS A 654 13.02 -0.53 -3.11
CA HIS A 654 13.49 -1.33 -1.93
C HIS A 654 12.35 -1.69 -1.00
N ASN A 655 11.19 -1.10 -1.20
CA ASN A 655 10.08 -1.29 -0.29
C ASN A 655 8.84 -0.65 -0.92
N LYS A 656 7.98 -1.40 -1.60
CA LYS A 656 6.89 -0.73 -2.34
C LYS A 656 5.97 0.08 -1.45
N TYR A 657 5.92 -0.23 -0.13
CA TYR A 657 5.06 0.54 0.77
C TYR A 657 5.47 2.01 0.92
N ALA A 658 6.73 2.32 0.64
CA ALA A 658 7.21 3.70 0.83
C ALA A 658 7.22 4.45 -0.49
N GLY A 659 6.86 5.72 -0.45
CA GLY A 659 7.02 6.56 -1.67
C GLY A 659 8.43 7.14 -1.71
N GLU A 660 8.96 7.23 -2.95
CA GLU A 660 10.27 7.82 -3.16
C GLU A 660 10.11 8.98 -4.12
N SER A 661 10.73 10.13 -3.86
CA SER A 661 10.68 11.24 -4.79
C SER A 661 11.83 11.17 -5.82
N PHE A 662 11.57 11.79 -6.99
CA PHE A 662 12.50 11.66 -8.13
C PHE A 662 13.05 10.24 -8.25
N PRO A 663 12.16 9.27 -8.36
CA PRO A 663 12.60 7.87 -8.37
C PRO A 663 13.58 7.54 -9.50
N GLY A 664 13.44 8.15 -10.65
CA GLY A 664 14.42 7.78 -11.72
C GLY A 664 15.84 8.20 -11.34
N ILE A 665 15.94 9.41 -10.75
CA ILE A 665 17.25 9.88 -10.33
C ILE A 665 17.75 9.08 -9.11
N TYR A 666 16.83 8.84 -8.17
CA TYR A 666 17.23 8.16 -6.94
C TYR A 666 17.79 6.78 -7.30
N ASP A 667 17.08 6.02 -8.12
CA ASP A 667 17.57 4.66 -8.45
C ASP A 667 18.84 4.71 -9.28
N ALA A 668 19.04 5.75 -10.11
CA ALA A 668 20.28 5.83 -10.87
C ALA A 668 21.49 6.10 -9.97
N ILE A 669 21.29 6.89 -8.92
CA ILE A 669 22.42 7.23 -8.02
C ILE A 669 22.62 6.21 -6.88
N PHE A 670 21.60 5.43 -6.58
CA PHE A 670 21.72 4.52 -5.43
C PHE A 670 22.85 3.51 -5.63
N ASP A 671 23.70 3.41 -4.60
CA ASP A 671 24.83 2.43 -4.57
C ASP A 671 25.75 2.63 -5.79
N ILE A 672 25.78 3.85 -6.33
CA ILE A 672 26.49 4.05 -7.59
C ILE A 672 28.00 3.74 -7.45
N GLU A 673 28.56 3.96 -6.26
CA GLU A 673 30.00 3.75 -6.07
C GLU A 673 30.36 2.25 -6.29
N ASN A 674 29.37 1.36 -6.26
CA ASN A 674 29.63 -0.07 -6.47
C ASN A 674 29.27 -0.60 -7.87
N LYS A 675 28.84 0.31 -8.77
CA LYS A 675 28.59 -0.12 -10.15
C LYS A 675 29.87 -0.43 -10.87
N ALA A 676 29.82 -1.46 -11.72
CA ALA A 676 31.04 -1.91 -12.38
C ALA A 676 31.61 -0.85 -13.32
N ASN A 677 30.72 -0.15 -14.02
CA ASN A 677 31.16 0.81 -15.03
C ASN A 677 30.70 2.19 -14.65
N SER A 678 31.61 3.01 -14.14
CA SER A 678 31.22 4.37 -13.68
C SER A 678 30.77 5.29 -14.81
N ARG A 679 31.38 5.20 -15.99
CA ARG A 679 30.97 6.10 -17.07
C ARG A 679 29.51 5.81 -17.42
N LEU A 680 29.15 4.52 -17.53
CA LEU A 680 27.77 4.17 -17.89
C LEU A 680 26.81 4.60 -16.78
N ALA A 681 27.23 4.37 -15.53
CA ALA A 681 26.32 4.65 -14.41
C ALA A 681 26.02 6.13 -14.34
N TRP A 682 27.04 6.98 -14.47
CA TRP A 682 26.79 8.43 -14.39
C TRP A 682 25.99 8.96 -15.58
N LYS A 683 26.10 8.32 -16.75
CA LYS A 683 25.27 8.72 -17.89
C LYS A 683 23.82 8.44 -17.58
N GLU A 684 23.52 7.34 -16.90
CA GLU A 684 22.11 7.07 -16.51
C GLU A 684 21.61 8.14 -15.50
N VAL A 685 22.50 8.61 -14.62
CA VAL A 685 22.08 9.69 -13.70
C VAL A 685 21.71 10.91 -14.57
N LYS A 686 22.58 11.25 -15.53
CA LYS A 686 22.30 12.41 -16.40
C LYS A 686 21.00 12.24 -17.15
N LYS A 687 20.73 11.00 -17.62
CA LYS A 687 19.47 10.73 -18.31
CA LYS A 687 19.47 10.72 -18.31
C LYS A 687 18.27 11.09 -17.45
N HIS A 688 18.28 10.62 -16.21
CA HIS A 688 17.09 10.81 -15.38
C HIS A 688 16.96 12.22 -14.84
N ILE A 689 18.09 12.91 -14.65
CA ILE A 689 18.00 14.33 -14.33
C ILE A 689 17.31 15.07 -15.47
N SER A 690 17.70 14.73 -16.69
CA SER A 690 17.15 15.41 -17.89
C SER A 690 15.66 15.13 -18.04
N ILE A 691 15.25 13.88 -17.83
CA ILE A 691 13.82 13.51 -17.93
C ILE A 691 13.05 14.27 -16.85
N ALA A 692 13.61 14.34 -15.64
CA ALA A 692 12.85 15.05 -14.58
C ALA A 692 12.71 16.54 -14.86
N ALA A 693 13.78 17.15 -15.39
CA ALA A 693 13.72 18.59 -15.74
C ALA A 693 12.69 18.83 -16.84
N PHE A 694 12.72 17.99 -17.89
CA PHE A 694 11.73 18.15 -18.94
C PHE A 694 10.32 18.00 -18.39
N THR A 695 10.10 16.98 -17.56
CA THR A 695 8.73 16.66 -17.18
C THR A 695 8.17 17.83 -16.35
N ILE A 696 8.99 18.37 -15.44
CA ILE A 696 8.50 19.51 -14.62
C ILE A 696 8.24 20.73 -15.50
N GLN A 697 9.13 20.99 -16.47
CA GLN A 697 8.94 22.13 -17.39
C GLN A 697 7.66 21.92 -18.18
N ALA A 698 7.42 20.67 -18.64
CA ALA A 698 6.19 20.41 -19.40
C ALA A 698 4.95 20.63 -18.56
N ALA A 699 4.99 20.15 -17.31
CA ALA A 699 3.86 20.35 -16.39
C ALA A 699 3.63 21.87 -16.21
N ALA A 700 4.73 22.63 -16.02
CA ALA A 700 4.59 24.10 -15.90
C ALA A 700 3.91 24.64 -17.17
N GLY A 701 4.31 24.11 -18.32
CA GLY A 701 3.67 24.56 -19.59
C GLY A 701 2.17 24.36 -19.64
N THR A 702 1.68 23.34 -18.94
CA THR A 702 0.20 23.10 -18.98
C THR A 702 -0.56 24.21 -18.25
N LEU A 703 0.12 24.94 -17.39
CA LEU A 703 -0.56 25.97 -16.59
C LEU A 703 -0.59 27.32 -17.29
N LYS A 704 0.26 27.50 -18.33
CA LYS A 704 0.37 28.79 -19.00
C LYS A 704 -0.89 29.20 -19.70
N GLU A 705 -1.08 30.52 -19.68
CA GLU A 705 -2.24 31.10 -20.28
C GLU A 705 -2.14 31.07 -21.77
N VAL A 706 -0.94 31.31 -22.29
CA VAL A 706 -0.90 31.30 -23.75
C VAL A 706 0.23 30.37 -24.15
C1 NAG B . 13.24 27.82 -17.49
C2 NAG B . 13.83 26.84 -18.51
C3 NAG B . 15.12 27.56 -19.02
C4 NAG B . 14.84 28.94 -19.62
C5 NAG B . 14.02 29.74 -18.62
C6 NAG B . 13.54 31.08 -19.18
C7 NAG B . 13.91 24.38 -18.50
C8 NAG B . 14.42 23.19 -17.73
N2 NAG B . 14.16 25.59 -17.93
O3 NAG B . 15.71 26.69 -19.99
O4 NAG B . 16.05 29.69 -19.77
O5 NAG B . 12.87 28.98 -18.21
O6 NAG B . 12.62 30.84 -20.22
O7 NAG B . 13.30 24.29 -19.59
C1 NAG B . 16.70 29.59 -21.05
C2 NAG B . 17.46 30.88 -21.26
C3 NAG B . 18.19 30.81 -22.60
C4 NAG B . 19.12 29.61 -22.63
C5 NAG B . 18.42 28.35 -22.15
C6 NAG B . 19.42 27.26 -21.86
C7 NAG B . 16.51 32.90 -20.18
C8 NAG B . 17.30 32.59 -18.92
N2 NAG B . 16.61 32.06 -21.23
O3 NAG B . 18.96 32.00 -22.77
O4 NAG B . 19.60 29.38 -23.95
O5 NAG B . 17.66 28.58 -20.97
O6 NAG B . 18.71 26.05 -21.60
O7 NAG B . 15.75 33.88 -20.23
C1 NAG C . -2.53 -31.14 -4.86
C2 NAG C . -2.52 -31.09 -6.39
C3 NAG C . -2.70 -32.54 -6.92
C4 NAG C . -1.74 -33.52 -6.23
C5 NAG C . -1.83 -33.40 -4.72
C6 NAG C . -0.80 -34.24 -4.00
C7 NAG C . -3.23 -29.33 -7.95
C8 NAG C . -4.34 -28.46 -8.49
N2 NAG C . -3.53 -30.19 -6.96
O3 NAG C . -2.46 -32.53 -8.32
O4 NAG C . -1.94 -34.89 -6.62
O5 NAG C . -1.50 -32.02 -4.43
O6 NAG C . 0.47 -33.87 -4.51
O7 NAG C . -2.10 -29.23 -8.47
C1 NAG D . 29.00 -16.61 -3.26
C2 NAG D . 30.20 -16.15 -4.06
C3 NAG D . 29.96 -16.77 -5.42
C4 NAG D . 29.87 -18.30 -5.25
C5 NAG D . 28.91 -18.71 -4.10
C6 NAG D . 29.07 -20.18 -3.68
C7 NAG D . 30.80 -14.00 -3.08
C8 NAG D . 30.72 -12.49 -3.13
N2 NAG D . 30.19 -14.70 -4.05
O3 NAG D . 30.99 -16.39 -6.30
O4 NAG D . 29.46 -18.87 -6.47
O5 NAG D . 29.09 -17.93 -2.95
O6 NAG D . 28.66 -21.09 -4.68
O7 NAG D . 31.45 -14.53 -2.17
C1 NAG E . -6.01 2.22 22.33
C2 NAG E . -4.67 1.52 22.47
C3 NAG E . -4.41 1.12 23.91
C4 NAG E . -4.61 2.34 24.83
C5 NAG E . -5.98 2.99 24.58
C6 NAG E . -6.16 4.30 25.36
C7 NAG E . -4.06 -0.07 20.67
C8 NAG E . -4.49 -1.37 20.05
N2 NAG E . -4.81 0.32 21.68
O3 NAG E . -3.09 0.68 23.93
O4 NAG E . -4.49 1.90 26.19
O5 NAG E . -6.08 3.34 23.18
O6 NAG E . -5.07 5.13 25.02
O7 NAG E . -3.06 0.51 20.28
ZN ZN F . -3.89 -6.67 3.57
ZN ZN G . -5.90 -3.64 2.90
CL CL H . -7.14 3.88 2.97
CA CA I . -4.27 -6.95 -16.65
C01 QUS J . -0.18 -6.25 1.21
C02 QUS J . -1.42 -5.85 0.45
C03 QUS J . -1.25 -6.08 -1.07
C04 QUS J . 0.50 -5.84 -2.78
C05 QUS J . 0.94 -3.76 -2.44
NP3 QUS J . -1.76 -4.44 0.71
N14 QUS J . 0.08 -5.60 -1.45
N15 QUS J . 1.11 -4.77 -3.31
O16 QUS J . 0.51 -5.36 1.71
O17 QUS J . 0.06 -7.49 1.25
O18 QUS J . 0.34 -6.91 -3.31
O19 QUS J . 1.30 -2.60 -2.49
O20 QUS J . 0.20 -4.17 -1.27
#